data_5OJ4
#
_entry.id   5OJ4
#
_cell.length_a   85.329
_cell.length_b   159.632
_cell.length_c   91.169
_cell.angle_alpha   90.00
_cell.angle_beta   90.00
_cell.angle_gamma   90.00
#
_symmetry.space_group_name_H-M   'P 21 21 2'
#
loop_
_entity.id
_entity.type
_entity.pdbx_description
1 polymer Hydrolase
2 non-polymer GLYCEROL
3 non-polymer DI(HYDROXYETHYL)ETHER
4 non-polymer GLYCINE
5 non-polymer '(2R)-3-hydroxy-2-(alpha-D-mannopyranosyloxy)propanoic acid'
6 water water
#
_entity_poly.entity_id   1
_entity_poly.type   'polypeptide(L)'
_entity_poly.pdbx_seq_one_letter_code
;GAMPHDPSFTPTQLAARAAYLLRGNDLGTMTTAAPLLYPHMWSWDAAFVAIGLAPLSVERAVVELDTLLSAQWRNGMIPH
IVFANGVDGYFPGPARWATATLADNAPRNRLTSGITQPPVHAIAVQRILEHARTRGRSTRAVAEAFLDRRWGDLMRWHRW
LAECRDRNERGRITLYHGWESGMANSPRWDSAYANVVPGKLPEYQRADNVIITDPSQRPSDGEYDRYLWLLEEMKAVRYD
DERLPSVMSFQVEDVFFSAIFSVACQVLAEIGEDYKRPHADVKDLYLWAERFRAGVVETTDQRTGAARDFDVLAEKWLVT
ETAAQFAPLLCGGLPHDRERALLKLLEGPRFCGHPDLKYGLIPSTSPVSRDFRPREYWRGPVWPVLTWLFSWCFARRGWA
ERARLLRQEGLRQASDGSFAEYYEPFTGEPLGSMQQSWTAAAVLDWLG
;
_entity_poly.pdbx_strand_id   A,B
#
loop_
_chem_comp.id
_chem_comp.type
_chem_comp.name
_chem_comp.formula
2M8 D-saccharide, alpha linking '(2R)-3-hydroxy-2-(alpha-D-mannopyranosyloxy)propanoic acid' 'C9 H16 O9'
GOL non-polymer GLYCEROL 'C3 H8 O3'
PEG non-polymer DI(HYDROXYETHYL)ETHER 'C4 H10 O3'
#
# COMPACT_ATOMS: atom_id res chain seq x y z
N PRO A 4 -35.22 -8.23 6.71
CA PRO A 4 -35.90 -9.22 5.87
C PRO A 4 -34.94 -10.30 5.34
N HIS A 5 -34.94 -10.54 4.02
CA HIS A 5 -34.08 -11.58 3.46
C HIS A 5 -32.59 -11.23 3.59
N ASP A 6 -32.25 -9.95 3.74
CA ASP A 6 -30.92 -9.49 4.07
C ASP A 6 -31.00 -8.04 4.49
N PRO A 7 -30.75 -7.72 5.77
CA PRO A 7 -30.93 -6.35 6.24
C PRO A 7 -29.70 -5.49 6.03
N SER A 8 -28.81 -5.92 5.13
CA SER A 8 -27.62 -5.13 4.85
C SER A 8 -27.96 -3.96 3.93
N PHE A 9 -27.04 -3.00 3.87
CA PHE A 9 -27.17 -1.83 3.04
C PHE A 9 -26.17 -1.89 1.89
N THR A 10 -26.53 -1.26 0.77
CA THR A 10 -25.60 -1.11 -0.34
C THR A 10 -24.49 -0.15 0.06
N PRO A 11 -23.38 -0.12 -0.71
CA PRO A 11 -22.31 0.83 -0.38
C PRO A 11 -22.78 2.27 -0.36
N THR A 12 -23.64 2.70 -1.32
CA THR A 12 -24.09 4.09 -1.27
C THR A 12 -25.02 4.32 -0.08
N GLN A 13 -25.92 3.38 0.20
CA GLN A 13 -26.77 3.53 1.38
C GLN A 13 -25.95 3.62 2.65
N LEU A 14 -24.91 2.77 2.75
CA LEU A 14 -24.09 2.75 3.96
C LEU A 14 -23.30 4.04 4.10
N ALA A 15 -22.71 4.53 3.00
CA ALA A 15 -21.97 5.78 3.08
C ALA A 15 -22.88 6.92 3.48
N ALA A 16 -24.08 6.94 2.93
CA ALA A 16 -25.06 7.98 3.27
C ALA A 16 -25.41 7.94 4.75
N ARG A 17 -25.67 6.74 5.28
N ARG A 17 -25.64 6.74 5.29
CA ARG A 17 -26.02 6.63 6.69
CA ARG A 17 -26.04 6.64 6.69
C ARG A 17 -24.87 6.98 7.60
C ARG A 17 -24.89 6.90 7.63
N ALA A 18 -23.65 6.65 7.20
CA ALA A 18 -22.49 6.99 8.02
C ALA A 18 -22.31 8.49 8.10
N ALA A 19 -22.46 9.19 6.97
CA ALA A 19 -22.36 10.65 6.99
C ALA A 19 -23.50 11.27 7.77
N TYR A 20 -24.70 10.70 7.63
CA TYR A 20 -25.85 11.17 8.38
C TYR A 20 -25.59 11.09 9.89
N LEU A 21 -25.05 9.95 10.33
CA LEU A 21 -24.68 9.79 11.74
C LEU A 21 -23.65 10.83 12.17
N LEU A 22 -22.56 10.98 11.41
CA LEU A 22 -21.51 11.88 11.88
C LEU A 22 -22.03 13.30 12.01
N ARG A 23 -22.85 13.74 11.05
N ARG A 23 -22.84 13.75 11.05
CA ARG A 23 -23.45 15.07 11.17
CA ARG A 23 -23.41 15.08 11.21
C ARG A 23 -24.38 15.13 12.37
C ARG A 23 -24.37 15.13 12.39
N GLY A 24 -25.09 14.03 12.65
CA GLY A 24 -26.02 14.03 13.77
C GLY A 24 -25.31 14.13 15.12
N ASN A 25 -24.06 13.65 15.22
CA ASN A 25 -23.30 13.76 16.46
C ASN A 25 -22.51 15.06 16.58
N ASP A 26 -22.61 15.94 15.60
CA ASP A 26 -21.92 17.22 15.61
C ASP A 26 -22.66 18.22 16.51
N LEU A 27 -21.98 18.72 17.55
CA LEU A 27 -22.60 19.74 18.41
C LEU A 27 -22.42 21.15 17.88
N GLY A 28 -21.62 21.33 16.84
CA GLY A 28 -21.33 22.66 16.30
C GLY A 28 -19.88 22.74 15.90
N THR A 29 -18.98 22.61 16.88
CA THR A 29 -17.55 22.61 16.60
C THR A 29 -16.85 21.38 17.17
N MET A 30 -17.59 20.47 17.80
CA MET A 30 -17.03 19.18 18.19
C MET A 30 -18.07 18.12 17.91
N THR A 31 -17.60 16.93 17.62
CA THR A 31 -18.47 15.77 17.39
C THR A 31 -18.37 14.85 18.61
N THR A 32 -19.51 14.47 19.17
CA THR A 32 -19.43 13.52 20.29
C THR A 32 -18.98 12.15 19.79
N ALA A 33 -18.34 11.39 20.67
CA ALA A 33 -17.90 10.05 20.26
C ALA A 33 -19.08 9.11 20.05
N ALA A 34 -20.17 9.32 20.77
CA ALA A 34 -21.43 8.59 20.57
C ALA A 34 -22.57 9.50 20.98
N PRO A 35 -23.82 9.12 20.67
CA PRO A 35 -24.94 10.05 21.02
C PRO A 35 -25.14 10.23 22.50
N LEU A 36 -25.10 9.14 23.29
CA LEU A 36 -25.42 9.21 24.70
C LEU A 36 -24.34 8.66 25.62
N LEU A 37 -23.71 7.54 25.26
CA LEU A 37 -22.72 6.94 26.16
C LEU A 37 -21.50 7.85 26.30
N TYR A 38 -21.12 8.51 25.22
CA TYR A 38 -19.91 9.32 25.17
C TYR A 38 -20.27 10.69 24.60
N PRO A 39 -21.01 11.50 25.37
CA PRO A 39 -21.63 12.71 24.79
C PRO A 39 -20.70 13.92 24.83
N HIS A 40 -19.40 13.67 24.67
CA HIS A 40 -18.35 14.70 24.70
C HIS A 40 -17.35 14.37 23.59
N MET A 41 -16.35 15.22 23.43
CA MET A 41 -15.24 14.96 22.50
C MET A 41 -14.17 14.13 23.19
N TRP A 42 -13.77 13.02 22.57
CA TRP A 42 -12.62 12.21 22.99
C TRP A 42 -11.46 12.43 22.03
N SER A 43 -10.23 12.32 22.55
CA SER A 43 -9.06 12.71 21.76
C SER A 43 -8.82 11.79 20.57
N TRP A 44 -8.59 10.49 20.77
CA TRP A 44 -8.29 9.75 19.54
C TRP A 44 -9.56 9.53 18.70
N ASP A 45 -10.75 9.51 19.32
CA ASP A 45 -11.98 9.51 18.51
C ASP A 45 -12.04 10.74 17.60
N ALA A 46 -11.65 11.91 18.12
CA ALA A 46 -11.71 13.13 17.32
C ALA A 46 -10.81 13.04 16.10
N ALA A 47 -9.64 12.38 16.24
CA ALA A 47 -8.79 12.17 15.06
C ALA A 47 -9.49 11.28 14.04
N PHE A 48 -10.12 10.20 14.50
CA PHE A 48 -10.85 9.35 13.54
C PHE A 48 -12.07 10.09 12.97
N VAL A 49 -12.78 10.88 13.78
CA VAL A 49 -13.87 11.72 13.27
C VAL A 49 -13.37 12.65 12.16
N ALA A 50 -12.21 13.30 12.37
CA ALA A 50 -11.67 14.15 11.30
C ALA A 50 -11.40 13.35 10.03
N ILE A 51 -10.92 12.10 10.17
CA ILE A 51 -10.72 11.28 8.97
C ILE A 51 -12.05 11.05 8.27
N GLY A 52 -13.11 10.78 9.04
CA GLY A 52 -14.41 10.55 8.44
C GLY A 52 -15.05 11.80 7.86
N LEU A 53 -14.73 12.98 8.42
CA LEU A 53 -15.25 14.24 7.88
C LEU A 53 -14.51 14.68 6.63
N ALA A 54 -13.24 14.29 6.46
CA ALA A 54 -12.46 14.78 5.32
C ALA A 54 -13.11 14.53 3.97
N PRO A 55 -13.73 13.39 3.68
CA PRO A 55 -14.44 13.27 2.39
C PRO A 55 -15.69 14.11 2.28
N LEU A 56 -16.20 14.62 3.40
CA LEU A 56 -17.45 15.40 3.43
C LEU A 56 -17.21 16.90 3.43
N SER A 57 -16.19 17.35 4.18
CA SER A 57 -15.92 18.78 4.30
C SER A 57 -14.53 18.92 4.89
N VAL A 58 -13.54 19.31 4.08
CA VAL A 58 -12.20 19.54 4.62
C VAL A 58 -12.26 20.65 5.67
N GLU A 59 -13.08 21.67 5.43
CA GLU A 59 -13.20 22.76 6.39
C GLU A 59 -13.67 22.24 7.76
N ARG A 60 -14.69 21.38 7.76
CA ARG A 60 -15.21 20.89 9.04
C ARG A 60 -14.28 19.85 9.67
N ALA A 61 -13.55 19.08 8.86
CA ALA A 61 -12.55 18.18 9.44
C ALA A 61 -11.48 18.99 10.18
N VAL A 62 -11.05 20.09 9.58
CA VAL A 62 -10.05 20.97 10.22
C VAL A 62 -10.60 21.57 11.52
N VAL A 63 -11.87 22.01 11.49
CA VAL A 63 -12.50 22.54 12.71
C VAL A 63 -12.42 21.51 13.84
N GLU A 64 -12.67 20.24 13.55
CA GLU A 64 -12.64 19.22 14.59
C GLU A 64 -11.29 19.19 15.31
N LEU A 65 -10.20 19.18 14.54
CA LEU A 65 -8.87 19.17 15.16
C LEU A 65 -8.56 20.51 15.82
N ASP A 66 -9.05 21.62 15.26
CA ASP A 66 -8.83 22.90 15.91
C ASP A 66 -9.46 22.91 17.30
N THR A 67 -10.67 22.35 17.42
CA THR A 67 -11.36 22.33 18.70
C THR A 67 -10.58 21.48 19.71
N LEU A 68 -10.16 20.29 19.30
CA LEU A 68 -9.33 19.44 20.16
C LEU A 68 -8.06 20.16 20.57
N LEU A 69 -7.34 20.76 19.61
CA LEU A 69 -6.08 21.41 19.97
C LEU A 69 -6.29 22.67 20.82
N SER A 70 -7.46 23.32 20.72
CA SER A 70 -7.72 24.44 21.61
C SER A 70 -7.80 24.00 23.07
N ALA A 71 -8.01 22.71 23.32
CA ALA A 71 -8.06 22.19 24.69
C ALA A 71 -6.71 21.64 25.14
N GLN A 72 -5.69 21.73 24.31
CA GLN A 72 -4.38 21.22 24.69
C GLN A 72 -3.83 21.95 25.92
N TRP A 73 -3.24 21.17 26.82
CA TRP A 73 -2.67 21.70 28.04
C TRP A 73 -1.42 22.53 27.75
N ARG A 74 -1.07 23.40 28.71
CA ARG A 74 0.05 24.31 28.57
C ARG A 74 1.37 23.57 28.35
N ASN A 75 1.51 22.35 28.84
CA ASN A 75 2.73 21.58 28.66
C ASN A 75 2.73 20.74 27.37
N GLY A 76 1.69 20.82 26.55
CA GLY A 76 1.61 20.06 25.30
C GLY A 76 0.69 18.86 25.34
N MET A 77 0.26 18.41 26.53
CA MET A 77 -0.56 17.21 26.60
C MET A 77 -1.91 17.49 25.95
N ILE A 78 -2.38 16.58 25.09
CA ILE A 78 -3.76 16.60 24.62
C ILE A 78 -4.58 15.71 25.56
N PRO A 79 -5.52 16.26 26.32
CA PRO A 79 -6.27 15.44 27.26
C PRO A 79 -7.25 14.57 26.51
N HIS A 80 -7.68 13.47 27.15
CA HIS A 80 -8.44 12.50 26.38
C HIS A 80 -9.92 12.84 26.26
N ILE A 81 -10.46 13.73 27.13
CA ILE A 81 -11.84 14.22 26.99
C ILE A 81 -11.83 15.74 26.99
N VAL A 82 -12.55 16.33 26.04
CA VAL A 82 -12.89 17.75 26.06
C VAL A 82 -14.39 17.80 26.28
N PHE A 83 -14.82 18.24 27.46
CA PHE A 83 -16.23 18.15 27.82
C PHE A 83 -17.06 19.21 27.10
N ALA A 84 -18.27 18.83 26.70
CA ALA A 84 -19.20 19.77 26.09
C ALA A 84 -19.87 20.62 27.17
N ASN A 85 -19.90 21.92 26.96
CA ASN A 85 -20.37 22.81 28.01
C ASN A 85 -21.83 22.48 28.35
N GLY A 86 -22.11 22.33 29.64
CA GLY A 86 -23.45 22.08 30.12
C GLY A 86 -23.99 20.69 29.88
N VAL A 87 -23.18 19.75 29.43
CA VAL A 87 -23.65 18.41 29.11
C VAL A 87 -23.33 17.46 30.25
N ASP A 88 -24.33 16.75 30.74
CA ASP A 88 -24.16 15.71 31.74
C ASP A 88 -24.36 14.35 31.09
N GLY A 89 -24.36 13.30 31.91
CA GLY A 89 -24.63 11.96 31.42
C GLY A 89 -23.42 11.08 31.22
N TYR A 90 -22.21 11.59 31.47
CA TYR A 90 -20.98 10.81 31.42
C TYR A 90 -20.26 10.91 32.76
N PHE A 91 -19.77 9.77 33.27
CA PHE A 91 -18.99 9.75 34.51
C PHE A 91 -17.73 8.93 34.24
N PRO A 92 -16.52 9.42 34.62
CA PRO A 92 -16.29 10.64 35.41
C PRO A 92 -16.35 11.95 34.60
N GLY A 93 -17.16 12.88 35.11
CA GLY A 93 -17.39 14.15 34.46
C GLY A 93 -16.43 15.20 34.99
N PRO A 94 -16.55 16.43 34.51
CA PRO A 94 -15.58 17.46 34.88
C PRO A 94 -15.47 17.69 36.39
N ALA A 95 -16.57 17.55 37.13
CA ALA A 95 -16.50 17.73 38.58
C ALA A 95 -15.57 16.70 39.23
N ARG A 96 -15.58 15.47 38.71
CA ARG A 96 -14.75 14.42 39.31
C ARG A 96 -13.27 14.60 38.98
N TRP A 97 -12.97 15.04 37.75
CA TRP A 97 -11.58 15.29 37.37
C TRP A 97 -11.02 16.50 38.11
N ALA A 98 -11.82 17.56 38.21
CA ALA A 98 -11.44 18.80 38.91
C ALA A 98 -10.16 19.41 38.34
N THR A 99 -9.88 19.16 37.06
CA THR A 99 -8.70 19.78 36.46
C THR A 99 -8.85 21.30 36.37
N ALA A 100 -10.09 21.78 36.29
CA ALA A 100 -10.33 23.22 36.22
C ALA A 100 -9.79 23.93 37.45
N THR A 101 -9.84 23.29 38.62
CA THR A 101 -9.36 23.94 39.82
C THR A 101 -7.99 23.45 40.26
N LEU A 102 -7.58 22.26 39.83
CA LEU A 102 -6.36 21.64 40.36
C LEU A 102 -5.20 21.59 39.39
N ALA A 103 -5.45 21.69 38.08
CA ALA A 103 -4.39 21.50 37.10
C ALA A 103 -3.94 22.85 36.54
N ASP A 104 -2.75 23.29 36.95
CA ASP A 104 -2.23 24.56 36.48
C ASP A 104 -2.05 24.57 34.96
N ASN A 105 -1.85 23.41 34.33
CA ASN A 105 -1.66 23.38 32.88
C ASN A 105 -2.95 23.25 32.09
N ALA A 106 -4.09 23.07 32.74
CA ALA A 106 -5.30 22.87 31.96
C ALA A 106 -5.72 24.18 31.30
N PRO A 107 -6.37 24.10 30.13
CA PRO A 107 -6.79 25.31 29.43
C PRO A 107 -7.86 26.07 30.20
N ARG A 108 -7.82 27.39 30.04
CA ARG A 108 -8.78 28.24 30.75
C ARG A 108 -10.18 28.12 30.17
N ASN A 109 -10.31 27.89 28.88
CA ASN A 109 -11.59 28.05 28.20
C ASN A 109 -12.21 26.73 27.78
N ARG A 110 -11.70 25.59 28.24
CA ARG A 110 -12.33 24.31 27.99
C ARG A 110 -12.25 23.49 29.27
N LEU A 111 -13.27 22.69 29.53
CA LEU A 111 -13.21 21.68 30.57
C LEU A 111 -12.66 20.40 29.96
N THR A 112 -11.65 19.79 30.61
CA THR A 112 -11.05 18.58 30.05
C THR A 112 -10.79 17.55 31.16
N SER A 113 -10.50 16.32 30.72
CA SER A 113 -9.98 15.34 31.65
C SER A 113 -8.52 15.67 31.98
N GLY A 114 -7.88 14.79 32.76
CA GLY A 114 -6.51 15.02 33.22
C GLY A 114 -5.49 13.99 32.75
N ILE A 115 -5.87 13.16 31.78
CA ILE A 115 -5.00 12.12 31.26
C ILE A 115 -5.00 12.21 29.74
N THR A 116 -4.16 11.38 29.09
CA THR A 116 -3.99 11.51 27.64
C THR A 116 -4.54 10.26 26.91
N GLN A 117 -4.26 10.18 25.60
CA GLN A 117 -4.75 9.10 24.74
C GLN A 117 -3.82 8.99 23.53
N PRO A 118 -3.97 7.94 22.70
CA PRO A 118 -2.95 7.63 21.67
C PRO A 118 -2.86 8.70 20.60
N PRO A 119 -1.64 8.96 20.11
CA PRO A 119 -1.37 10.10 19.20
C PRO A 119 -1.62 9.72 17.75
N VAL A 120 -2.86 9.36 17.43
CA VAL A 120 -3.22 9.09 16.03
C VAL A 120 -3.46 10.36 15.23
N HIS A 121 -3.27 11.53 15.86
CA HIS A 121 -3.70 12.78 15.24
C HIS A 121 -2.95 13.10 13.95
N ALA A 122 -1.64 12.80 13.88
CA ALA A 122 -0.92 13.04 12.62
C ALA A 122 -1.52 12.25 11.46
N ILE A 123 -2.00 11.03 11.71
CA ILE A 123 -2.63 10.24 10.65
C ILE A 123 -3.84 10.97 10.09
N ALA A 124 -4.66 11.55 10.98
CA ALA A 124 -5.82 12.32 10.50
C ALA A 124 -5.38 13.53 9.70
N VAL A 125 -4.28 14.18 10.12
CA VAL A 125 -3.81 15.32 9.34
C VAL A 125 -3.40 14.86 7.94
N GLN A 126 -2.73 13.70 7.83
CA GLN A 126 -2.34 13.20 6.51
C GLN A 126 -3.59 12.96 5.65
N ARG A 127 -4.65 12.36 6.21
CA ARG A 127 -5.84 12.10 5.37
C ARG A 127 -6.50 13.39 4.96
N ILE A 128 -6.54 14.39 5.85
CA ILE A 128 -7.12 15.67 5.47
C ILE A 128 -6.33 16.26 4.30
N LEU A 129 -5.00 16.22 4.41
CA LEU A 129 -4.17 16.77 3.33
C LEU A 129 -4.37 16.01 2.02
N GLU A 130 -4.46 14.68 2.09
CA GLU A 130 -4.67 13.91 0.84
C GLU A 130 -6.00 14.25 0.19
N HIS A 131 -7.08 14.34 0.97
CA HIS A 131 -8.36 14.81 0.42
C HIS A 131 -8.25 16.21 -0.14
N ALA A 132 -7.64 17.13 0.61
CA ALA A 132 -7.61 18.51 0.18
C ALA A 132 -6.90 18.64 -1.15
N ARG A 133 -5.83 17.86 -1.36
CA ARG A 133 -5.09 17.99 -2.61
C ARG A 133 -5.89 17.52 -3.82
N THR A 134 -6.91 16.69 -3.63
CA THR A 134 -7.80 16.32 -4.73
C THR A 134 -8.89 17.35 -4.99
N ARG A 135 -9.04 18.36 -4.13
N ARG A 135 -9.05 18.35 -4.13
CA ARG A 135 -10.22 19.22 -4.16
CA ARG A 135 -10.23 19.21 -4.19
C ARG A 135 -9.96 20.61 -4.73
C ARG A 135 -9.97 20.61 -4.76
N GLY A 136 -8.73 20.95 -5.10
CA GLY A 136 -8.50 22.24 -5.72
C GLY A 136 -8.02 23.30 -4.74
N ARG A 137 -7.81 24.49 -5.30
CA ARG A 137 -6.96 25.50 -4.65
C ARG A 137 -7.52 25.99 -3.32
N SER A 138 -8.81 26.37 -3.31
CA SER A 138 -9.41 26.92 -2.10
C SER A 138 -9.42 25.90 -0.96
N THR A 139 -9.60 24.62 -1.29
CA THR A 139 -9.59 23.60 -0.26
C THR A 139 -8.18 23.30 0.21
N ARG A 140 -7.21 23.27 -0.72
CA ARG A 140 -5.82 23.16 -0.32
C ARG A 140 -5.43 24.31 0.63
N ALA A 141 -5.90 25.52 0.33
CA ALA A 141 -5.56 26.67 1.19
C ALA A 141 -6.11 26.50 2.60
N VAL A 142 -7.28 25.88 2.74
CA VAL A 142 -7.83 25.62 4.07
C VAL A 142 -6.92 24.68 4.85
N ALA A 143 -6.50 23.59 4.21
CA ALA A 143 -5.67 22.61 4.90
C ALA A 143 -4.29 23.19 5.22
N GLU A 144 -3.72 23.98 4.30
CA GLU A 144 -2.43 24.58 4.55
C GLU A 144 -2.50 25.66 5.62
N ALA A 145 -3.61 26.38 5.71
CA ALA A 145 -3.75 27.35 6.79
C ALA A 145 -3.82 26.62 8.14
N PHE A 146 -4.47 25.47 8.18
CA PHE A 146 -4.49 24.67 9.41
C PHE A 146 -3.08 24.29 9.84
N LEU A 147 -2.24 23.82 8.91
CA LEU A 147 -0.85 23.53 9.25
C LEU A 147 -0.14 24.75 9.80
N ASP A 148 -0.32 25.89 9.15
CA ASP A 148 0.32 27.11 9.62
C ASP A 148 -0.08 27.40 11.06
N ARG A 149 -1.36 27.21 11.37
CA ARG A 149 -1.95 27.55 12.67
C ARG A 149 -1.61 26.53 13.75
N ARG A 150 -1.48 25.25 13.39
CA ARG A 150 -1.41 24.19 14.37
C ARG A 150 -0.14 23.33 14.32
N TRP A 151 0.78 23.58 13.39
CA TRP A 151 2.01 22.78 13.37
C TRP A 151 2.71 22.82 14.72
N GLY A 152 2.87 24.03 15.28
CA GLY A 152 3.52 24.18 16.58
C GLY A 152 2.83 23.38 17.68
N ASP A 153 1.49 23.39 17.71
CA ASP A 153 0.76 22.63 18.71
C ASP A 153 0.99 21.13 18.53
N LEU A 154 0.98 20.66 17.27
CA LEU A 154 1.23 19.24 17.02
C LEU A 154 2.63 18.85 17.47
N MET A 155 3.60 19.74 17.25
CA MET A 155 4.98 19.49 17.70
C MET A 155 5.04 19.42 19.21
N ARG A 156 4.34 20.33 19.91
N ARG A 156 4.33 20.31 19.91
CA ARG A 156 4.33 20.35 21.36
CA ARG A 156 4.37 20.31 21.37
C ARG A 156 3.70 19.07 21.93
C ARG A 156 3.66 19.11 21.96
N TRP A 157 2.69 18.56 21.24
CA TRP A 157 2.05 17.30 21.64
C TRP A 157 3.04 16.14 21.55
N HIS A 158 3.69 15.99 20.39
CA HIS A 158 4.70 14.95 20.24
C HIS A 158 5.87 15.15 21.22
N ARG A 159 6.31 16.40 21.41
N ARG A 159 6.31 16.40 21.42
CA ARG A 159 7.45 16.64 22.32
CA ARG A 159 7.44 16.62 22.31
C ARG A 159 7.09 16.26 23.75
C ARG A 159 7.10 16.29 23.76
N TRP A 160 5.86 16.56 24.18
CA TRP A 160 5.44 16.22 25.54
C TRP A 160 5.47 14.72 25.75
N LEU A 161 4.91 13.97 24.79
CA LEU A 161 5.00 12.53 24.84
C LEU A 161 6.45 12.09 24.94
N ALA A 162 7.30 12.56 24.03
CA ALA A 162 8.68 12.07 23.99
C ALA A 162 9.46 12.47 25.23
N GLU A 163 9.25 13.69 25.72
CA GLU A 163 10.07 14.14 26.85
C GLU A 163 9.46 13.79 28.20
N CYS A 164 8.14 13.87 28.35
CA CYS A 164 7.56 13.69 29.67
C CYS A 164 7.01 12.30 29.92
N ARG A 165 6.64 11.55 28.88
CA ARG A 165 6.21 10.18 29.11
C ARG A 165 7.26 9.17 28.67
N ASP A 166 8.45 9.62 28.25
CA ASP A 166 9.59 8.73 28.02
C ASP A 166 10.82 9.42 28.61
N ARG A 167 10.74 9.67 29.94
CA ARG A 167 11.76 10.44 30.67
C ARG A 167 13.14 9.77 30.63
N ASN A 168 13.20 8.46 30.47
CA ASN A 168 14.47 7.73 30.42
C ASN A 168 14.90 7.40 29.00
N GLU A 169 14.21 7.96 28.00
CA GLU A 169 14.54 7.73 26.60
C GLU A 169 14.67 6.24 26.30
N ARG A 170 13.67 5.47 26.72
CA ARG A 170 13.62 4.05 26.42
C ARG A 170 12.86 3.76 25.13
N GLY A 171 12.27 4.78 24.51
CA GLY A 171 11.52 4.56 23.30
C GLY A 171 10.18 3.88 23.55
N ARG A 172 9.62 4.04 24.76
CA ARG A 172 8.28 3.57 25.04
C ARG A 172 7.58 4.61 25.90
N ILE A 173 6.28 4.73 25.69
CA ILE A 173 5.46 5.72 26.39
C ILE A 173 4.95 5.11 27.70
N THR A 174 5.21 5.79 28.81
CA THR A 174 4.63 5.41 30.10
C THR A 174 3.21 5.98 30.25
N LEU A 175 2.27 5.15 30.70
CA LEU A 175 0.91 5.56 31.03
C LEU A 175 0.67 5.46 32.53
N TYR A 176 -0.17 6.36 33.05
CA TYR A 176 -0.55 6.38 34.46
C TYR A 176 -2.00 5.98 34.67
N HIS A 177 -2.70 5.58 33.59
CA HIS A 177 -4.08 5.12 33.67
C HIS A 177 -4.33 4.21 32.47
N GLY A 178 -5.03 3.09 32.71
CA GLY A 178 -5.45 2.24 31.60
C GLY A 178 -6.28 2.96 30.55
N TRP A 179 -7.02 4.01 30.95
CA TRP A 179 -7.79 4.75 29.95
C TRP A 179 -6.89 5.40 28.91
N GLU A 180 -5.64 5.71 29.28
CA GLU A 180 -4.74 6.33 28.30
C GLU A 180 -4.34 5.39 27.18
N SER A 181 -4.41 4.07 27.41
CA SER A 181 -4.15 3.11 26.35
C SER A 181 -5.28 3.03 25.34
N GLY A 182 -6.43 3.67 25.64
CA GLY A 182 -7.66 3.44 24.90
C GLY A 182 -8.40 2.19 25.31
N MET A 183 -7.76 1.27 26.08
CA MET A 183 -8.30 -0.08 26.32
C MET A 183 -8.23 -0.37 27.83
N ALA A 184 -9.09 0.28 28.61
CA ALA A 184 -8.83 0.26 30.06
C ALA A 184 -9.02 -1.12 30.68
N ASN A 185 -9.88 -1.98 30.12
CA ASN A 185 -10.06 -3.30 30.71
C ASN A 185 -9.36 -4.39 29.91
N SER A 186 -8.38 -4.02 29.10
CA SER A 186 -7.62 -5.02 28.38
C SER A 186 -6.97 -5.99 29.36
N PRO A 187 -6.91 -7.30 29.04
CA PRO A 187 -6.11 -8.23 29.85
C PRO A 187 -4.66 -7.79 30.02
N ARG A 188 -4.17 -6.95 29.10
CA ARG A 188 -2.82 -6.38 29.23
C ARG A 188 -2.56 -5.84 30.62
N TRP A 189 -3.57 -5.21 31.25
CA TRP A 189 -3.32 -4.41 32.47
C TRP A 189 -3.73 -5.11 33.74
N ASP A 190 -4.21 -6.36 33.67
CA ASP A 190 -4.77 -6.98 34.87
C ASP A 190 -3.76 -7.08 36.00
N SER A 191 -2.53 -7.49 35.72
CA SER A 191 -1.59 -7.67 36.83
C SER A 191 -1.13 -6.32 37.40
N ALA A 192 -1.05 -5.27 36.58
CA ALA A 192 -0.74 -3.95 37.11
C ALA A 192 -1.89 -3.42 37.98
N TYR A 193 -3.15 -3.62 37.55
CA TYR A 193 -4.28 -3.19 38.37
C TYR A 193 -4.35 -3.95 39.68
N ALA A 194 -3.87 -5.21 39.71
CA ALA A 194 -3.89 -5.94 40.97
C ALA A 194 -3.06 -5.27 42.04
N ASN A 195 -2.12 -4.40 41.65
N ASN A 195 -2.13 -4.40 41.64
CA ASN A 195 -1.31 -3.67 42.62
CA ASN A 195 -1.27 -3.66 42.54
C ASN A 195 -1.95 -2.36 43.06
C ASN A 195 -1.80 -2.23 42.81
N VAL A 196 -3.05 -1.95 42.44
CA VAL A 196 -3.70 -0.68 42.76
C VAL A 196 -4.65 -0.93 43.93
N VAL A 197 -4.34 -0.36 45.10
CA VAL A 197 -5.16 -0.55 46.29
C VAL A 197 -5.79 0.76 46.70
N PRO A 198 -7.08 0.98 46.41
CA PRO A 198 -7.70 2.27 46.73
C PRO A 198 -7.68 2.57 48.23
N GLY A 199 -7.47 3.84 48.56
CA GLY A 199 -7.66 4.31 49.92
C GLY A 199 -9.12 4.69 50.10
N LYS A 200 -9.37 5.85 50.71
CA LYS A 200 -10.74 6.31 50.94
C LYS A 200 -11.22 6.93 49.65
N LEU A 201 -11.94 6.14 48.86
CA LEU A 201 -12.40 6.55 47.54
C LEU A 201 -13.75 7.25 47.68
N PRO A 202 -13.88 8.51 47.24
CA PRO A 202 -15.16 9.19 47.34
C PRO A 202 -16.25 8.45 46.58
N GLU A 203 -17.43 8.38 47.21
CA GLU A 203 -18.58 7.68 46.64
C GLU A 203 -18.88 8.20 45.24
N TYR A 204 -19.42 7.32 44.39
CA TYR A 204 -19.78 7.70 43.03
C TYR A 204 -20.81 6.74 42.48
N GLN A 205 -21.46 7.17 41.39
CA GLN A 205 -22.43 6.37 40.68
C GLN A 205 -22.02 6.33 39.22
N ARG A 206 -21.89 5.13 38.67
CA ARG A 206 -21.53 5.04 37.26
C ARG A 206 -22.70 5.51 36.41
N ALA A 207 -22.36 6.07 35.26
CA ALA A 207 -23.31 6.40 34.21
C ALA A 207 -23.24 5.47 33.02
N ASP A 208 -22.06 4.88 32.78
CA ASP A 208 -21.87 4.10 31.56
C ASP A 208 -22.80 2.89 31.50
N ASN A 209 -23.01 2.23 32.64
CA ASN A 209 -23.84 1.04 32.66
C ASN A 209 -25.29 1.35 32.95
N VAL A 210 -25.64 2.64 33.03
CA VAL A 210 -27.03 3.04 32.89
C VAL A 210 -27.43 3.07 31.41
N ILE A 211 -26.50 3.48 30.54
N ILE A 211 -26.51 3.51 30.55
CA ILE A 211 -26.78 3.55 29.11
CA ILE A 211 -26.78 3.55 29.12
C ILE A 211 -26.61 2.18 28.45
C ILE A 211 -26.64 2.16 28.50
N ILE A 212 -25.52 1.49 28.78
CA ILE A 212 -25.30 0.11 28.35
C ILE A 212 -25.65 -0.76 29.55
N THR A 213 -26.87 -1.28 29.60
CA THR A 213 -27.31 -1.96 30.81
C THR A 213 -26.90 -3.43 30.87
N ASP A 214 -26.55 -4.05 29.75
CA ASP A 214 -26.08 -5.43 29.76
C ASP A 214 -24.75 -5.48 30.49
N PRO A 215 -24.67 -6.09 31.67
CA PRO A 215 -23.40 -6.03 32.43
C PRO A 215 -22.26 -6.76 31.77
N SER A 216 -22.53 -7.72 30.87
CA SER A 216 -21.46 -8.45 30.18
C SER A 216 -20.69 -7.57 29.20
N GLN A 217 -21.16 -6.37 28.88
CA GLN A 217 -20.53 -5.53 27.87
C GLN A 217 -19.63 -4.44 28.43
N ARG A 218 -19.61 -4.21 29.75
CA ARG A 218 -18.82 -3.15 30.33
C ARG A 218 -17.98 -3.68 31.49
N PRO A 219 -16.99 -2.91 31.95
CA PRO A 219 -16.19 -3.35 33.11
C PRO A 219 -17.03 -3.47 34.37
N SER A 220 -16.44 -4.11 35.38
CA SER A 220 -17.11 -4.32 36.66
C SER A 220 -16.95 -3.10 37.56
N ASP A 221 -17.74 -3.08 38.64
CA ASP A 221 -17.58 -2.03 39.65
C ASP A 221 -16.20 -2.07 40.28
N GLY A 222 -15.67 -3.27 40.53
CA GLY A 222 -14.34 -3.38 41.08
C GLY A 222 -13.28 -2.75 40.19
N GLU A 223 -13.40 -2.94 38.87
CA GLU A 223 -12.52 -2.26 37.93
C GLU A 223 -12.69 -0.75 38.00
N TYR A 224 -13.94 -0.28 38.01
CA TYR A 224 -14.16 1.16 38.09
C TYR A 224 -13.59 1.74 39.38
N ASP A 225 -13.66 1.00 40.48
CA ASP A 225 -13.07 1.52 41.72
C ASP A 225 -11.58 1.82 41.52
N ARG A 226 -10.86 0.93 40.82
CA ARG A 226 -9.45 1.18 40.56
C ARG A 226 -9.26 2.32 39.55
N TYR A 227 -10.10 2.39 38.50
CA TYR A 227 -10.00 3.51 37.58
C TYR A 227 -10.19 4.84 38.30
N LEU A 228 -11.17 4.89 39.20
CA LEU A 228 -11.44 6.16 39.86
C LEU A 228 -10.41 6.47 40.94
N TRP A 229 -9.83 5.44 41.56
CA TRP A 229 -8.81 5.72 42.55
C TRP A 229 -7.57 6.35 41.92
N LEU A 230 -7.20 5.91 40.71
CA LEU A 230 -6.05 6.49 40.03
C LEU A 230 -6.26 7.99 39.84
N LEU A 231 -7.50 8.41 39.54
CA LEU A 231 -7.81 9.84 39.49
C LEU A 231 -7.49 10.54 40.81
N GLU A 232 -7.87 9.94 41.95
CA GLU A 232 -7.57 10.55 43.24
C GLU A 232 -6.08 10.77 43.41
N GLU A 233 -5.26 9.82 42.96
CA GLU A 233 -3.83 9.95 43.13
C GLU A 233 -3.27 11.10 42.30
N MET A 234 -3.77 11.26 41.06
CA MET A 234 -3.36 12.39 40.24
C MET A 234 -3.81 13.71 40.85
N LYS A 235 -5.05 13.76 41.31
CA LYS A 235 -5.59 14.99 41.89
C LYS A 235 -4.78 15.42 43.11
N ALA A 236 -4.39 14.46 43.94
CA ALA A 236 -3.65 14.81 45.15
C ALA A 236 -2.32 15.50 44.86
N VAL A 237 -1.76 15.30 43.67
CA VAL A 237 -0.56 16.04 43.28
C VAL A 237 -0.87 17.05 42.18
N ARG A 238 -2.14 17.43 42.04
CA ARG A 238 -2.55 18.50 41.11
C ARG A 238 -2.08 18.23 39.70
N TYR A 239 -2.04 16.95 39.31
CA TYR A 239 -1.73 16.55 37.94
C TYR A 239 -0.33 17.00 37.50
N ASP A 240 0.58 17.18 38.44
CA ASP A 240 1.93 17.65 38.16
C ASP A 240 2.77 16.51 37.57
N ASP A 241 3.24 16.69 36.33
CA ASP A 241 4.04 15.66 35.65
C ASP A 241 5.21 15.20 36.49
N GLU A 242 5.90 16.15 37.14
CA GLU A 242 7.10 15.79 37.88
C GLU A 242 6.80 14.91 39.09
N ARG A 243 5.57 14.91 39.60
N ARG A 243 5.56 14.92 39.59
CA ARG A 243 5.25 14.14 40.79
CA ARG A 243 5.21 14.17 40.78
C ARG A 243 4.58 12.80 40.49
C ARG A 243 4.60 12.81 40.48
N LEU A 244 4.01 12.62 39.30
CA LEU A 244 3.34 11.35 38.99
C LEU A 244 4.21 10.11 39.19
N PRO A 245 5.49 10.07 38.79
CA PRO A 245 6.27 8.85 39.03
C PRO A 245 6.39 8.49 40.49
N SER A 246 6.32 9.46 41.41
CA SER A 246 6.49 9.16 42.82
C SER A 246 5.22 8.66 43.50
N VAL A 247 4.04 8.93 42.92
CA VAL A 247 2.79 8.71 43.65
C VAL A 247 1.87 7.71 42.97
N MET A 248 1.99 7.55 41.64
CA MET A 248 0.99 6.75 40.91
C MET A 248 1.17 5.26 41.19
N SER A 249 0.06 4.57 41.45
CA SER A 249 0.06 3.13 41.71
C SER A 249 0.02 2.29 40.43
N PHE A 250 -0.12 2.94 39.28
CA PHE A 250 -0.20 2.30 37.98
C PHE A 250 0.78 3.03 37.08
N GLN A 251 1.83 2.33 36.62
CA GLN A 251 2.82 2.90 35.70
C GLN A 251 3.22 1.81 34.72
N VAL A 252 2.80 1.91 33.45
CA VAL A 252 3.07 0.86 32.48
C VAL A 252 3.61 1.49 31.20
N GLU A 253 4.52 0.79 30.54
CA GLU A 253 4.91 1.17 29.20
C GLU A 253 4.02 0.43 28.21
N ASP A 254 3.28 1.20 27.41
CA ASP A 254 2.28 0.71 26.49
C ASP A 254 2.92 0.58 25.10
N VAL A 255 3.12 -0.67 24.65
CA VAL A 255 3.88 -0.88 23.42
C VAL A 255 3.01 -0.57 22.18
N PHE A 256 1.69 -0.65 22.28
CA PHE A 256 0.84 -0.31 21.14
C PHE A 256 0.76 1.21 20.95
N PHE A 257 0.53 1.94 22.04
CA PHE A 257 0.65 3.40 22.04
C PHE A 257 2.02 3.83 21.50
N SER A 258 3.09 3.13 21.92
CA SER A 258 4.44 3.47 21.47
C SER A 258 4.58 3.29 19.95
N ALA A 259 4.02 2.20 19.42
CA ALA A 259 4.14 1.97 17.97
C ALA A 259 3.32 2.99 17.19
N ILE A 260 2.15 3.34 17.71
CA ILE A 260 1.35 4.40 17.09
C ILE A 260 2.14 5.69 17.08
N PHE A 261 2.86 5.97 18.17
CA PHE A 261 3.63 7.21 18.22
C PHE A 261 4.75 7.20 17.20
N SER A 262 5.45 6.06 17.05
CA SER A 262 6.48 5.92 16.02
C SER A 262 5.93 6.26 14.63
N VAL A 263 4.82 5.62 14.26
CA VAL A 263 4.16 5.92 12.98
C VAL A 263 3.80 7.41 12.89
N ALA A 264 3.15 7.93 13.93
CA ALA A 264 2.69 9.33 13.86
C ALA A 264 3.87 10.29 13.69
N CYS A 265 4.99 10.03 14.37
CA CYS A 265 6.17 10.86 14.19
C CYS A 265 6.66 10.81 12.74
N GLN A 266 6.71 9.62 12.14
CA GLN A 266 7.16 9.53 10.77
C GLN A 266 6.19 10.23 9.83
N VAL A 267 4.89 10.07 10.09
CA VAL A 267 3.89 10.72 9.24
C VAL A 267 4.01 12.23 9.35
N LEU A 268 4.13 12.74 10.59
CA LEU A 268 4.21 14.18 10.81
C LEU A 268 5.49 14.74 10.24
N ALA A 269 6.59 13.96 10.31
CA ALA A 269 7.85 14.38 9.70
C ALA A 269 7.70 14.53 8.19
N GLU A 270 7.04 13.58 7.54
CA GLU A 270 6.85 13.67 6.09
C GLU A 270 5.98 14.87 5.73
N ILE A 271 4.93 15.13 6.52
CA ILE A 271 4.14 16.34 6.32
C ILE A 271 5.03 17.57 6.47
N GLY A 272 5.90 17.58 7.49
CA GLY A 272 6.78 18.72 7.68
C GLY A 272 7.70 18.96 6.50
N GLU A 273 8.21 17.88 5.89
CA GLU A 273 9.07 18.08 4.73
C GLU A 273 8.26 18.61 3.54
N ASP A 274 7.07 18.04 3.33
CA ASP A 274 6.24 18.42 2.19
C ASP A 274 5.80 19.86 2.26
N TYR A 275 5.54 20.37 3.46
CA TYR A 275 5.03 21.73 3.64
C TYR A 275 6.05 22.66 4.26
N LYS A 276 7.34 22.32 4.12
CA LYS A 276 8.44 23.24 4.46
C LYS A 276 8.34 23.77 5.88
N ARG A 277 8.07 22.87 6.82
N ARG A 277 8.06 22.88 6.82
CA ARG A 277 8.09 23.23 8.23
CA ARG A 277 8.09 23.23 8.23
C ARG A 277 9.55 23.29 8.70
C ARG A 277 9.54 23.28 8.71
N PRO A 278 9.81 23.82 9.91
CA PRO A 278 11.21 23.98 10.35
C PRO A 278 12.01 22.68 10.34
N HIS A 279 13.23 22.76 9.79
CA HIS A 279 14.05 21.54 9.67
C HIS A 279 14.31 20.91 11.03
N ALA A 280 14.54 21.72 12.07
CA ALA A 280 14.81 21.16 13.40
C ALA A 280 13.65 20.30 13.87
N ASP A 281 12.42 20.70 13.55
CA ASP A 281 11.25 19.92 13.93
C ASP A 281 11.21 18.58 13.22
N VAL A 282 11.44 18.61 11.91
CA VAL A 282 11.43 17.38 11.12
C VAL A 282 12.50 16.43 11.64
N LYS A 283 13.69 16.96 11.95
CA LYS A 283 14.77 16.15 12.49
C LYS A 283 14.36 15.46 13.78
N ASP A 284 13.73 16.22 14.70
CA ASP A 284 13.28 15.64 15.96
C ASP A 284 12.21 14.58 15.75
N LEU A 285 11.26 14.83 14.84
CA LEU A 285 10.24 13.82 14.56
C LEU A 285 10.86 12.53 14.04
N TYR A 286 11.83 12.61 13.13
CA TYR A 286 12.42 11.37 12.64
C TYR A 286 13.21 10.65 13.72
N LEU A 287 13.85 11.41 14.61
CA LEU A 287 14.56 10.81 15.72
C LEU A 287 13.61 10.04 16.63
N TRP A 288 12.47 10.67 16.99
CA TRP A 288 11.48 9.96 17.82
C TRP A 288 10.89 8.77 17.08
N ALA A 289 10.62 8.90 15.78
CA ALA A 289 10.11 7.75 15.03
C ALA A 289 11.03 6.55 15.17
N GLU A 290 12.34 6.78 15.05
CA GLU A 290 13.30 5.69 15.14
C GLU A 290 13.44 5.21 16.58
N ARG A 291 13.43 6.12 17.55
CA ARG A 291 13.58 5.73 18.97
C ARG A 291 12.44 4.82 19.42
N PHE A 292 11.20 5.17 19.07
CA PHE A 292 10.06 4.38 19.52
C PHE A 292 9.87 3.11 18.70
N ARG A 293 10.29 3.12 17.43
CA ARG A 293 10.37 1.85 16.69
C ARG A 293 11.30 0.88 17.40
N ALA A 294 12.50 1.34 17.75
CA ALA A 294 13.46 0.50 18.46
C ALA A 294 12.91 0.08 19.82
N GLY A 295 12.21 1.00 20.51
CA GLY A 295 11.64 0.67 21.81
C GLY A 295 10.60 -0.43 21.72
N VAL A 296 9.77 -0.38 20.67
CA VAL A 296 8.78 -1.42 20.43
C VAL A 296 9.46 -2.76 20.16
N VAL A 297 10.47 -2.78 19.26
CA VAL A 297 11.12 -4.04 18.89
C VAL A 297 11.83 -4.68 20.08
N GLU A 298 12.37 -3.86 20.98
CA GLU A 298 13.08 -4.38 22.14
C GLU A 298 12.19 -5.27 23.00
N THR A 299 10.88 -5.02 22.98
CA THR A 299 9.93 -5.79 23.79
C THR A 299 9.59 -7.16 23.21
N THR A 300 10.01 -7.48 21.98
CA THR A 300 9.34 -8.53 21.25
C THR A 300 9.83 -9.93 21.59
N ASP A 301 8.88 -10.86 21.60
CA ASP A 301 9.14 -12.28 21.77
C ASP A 301 10.12 -12.77 20.72
N GLN A 302 11.14 -13.53 21.16
CA GLN A 302 12.15 -13.92 20.19
C GLN A 302 11.70 -15.00 19.23
N ARG A 303 10.59 -15.69 19.52
CA ARG A 303 10.06 -16.68 18.59
C ARG A 303 8.99 -16.11 17.67
N THR A 304 7.99 -15.43 18.23
CA THR A 304 6.83 -15.02 17.46
C THR A 304 6.87 -13.56 17.02
N GLY A 305 7.79 -12.77 17.56
CA GLY A 305 7.79 -11.33 17.29
C GLY A 305 6.76 -10.55 18.06
N ALA A 306 5.96 -11.19 18.91
CA ALA A 306 4.87 -10.46 19.58
C ALA A 306 5.44 -9.43 20.56
N ALA A 307 4.82 -8.24 20.61
CA ALA A 307 5.29 -7.18 21.48
C ALA A 307 4.64 -7.27 22.86
N ARG A 308 5.43 -7.02 23.89
CA ARG A 308 4.99 -7.08 25.28
C ARG A 308 4.93 -5.66 25.86
N ASP A 309 3.94 -5.40 26.71
CA ASP A 309 3.96 -4.18 27.52
C ASP A 309 4.91 -4.38 28.70
N PHE A 310 5.17 -3.31 29.45
CA PHE A 310 6.09 -3.41 30.58
C PHE A 310 5.49 -2.72 31.81
N ASP A 311 5.51 -3.42 32.94
CA ASP A 311 5.05 -2.84 34.21
C ASP A 311 6.25 -2.17 34.86
N VAL A 312 6.24 -0.84 34.89
CA VAL A 312 7.37 -0.08 35.43
C VAL A 312 7.54 -0.31 36.93
N LEU A 313 6.43 -0.44 37.67
CA LEU A 313 6.56 -0.62 39.12
C LEU A 313 7.01 -2.03 39.46
N ALA A 314 6.38 -3.03 38.85
CA ALA A 314 6.77 -4.42 39.08
C ALA A 314 8.08 -4.78 38.38
N GLU A 315 8.54 -3.96 37.44
CA GLU A 315 9.71 -4.26 36.61
C GLU A 315 9.58 -5.61 35.92
N LYS A 316 8.45 -5.82 35.24
CA LYS A 316 8.27 -7.10 34.57
C LYS A 316 7.54 -6.91 33.25
N TRP A 317 7.92 -7.75 32.28
CA TRP A 317 7.23 -7.79 31.00
C TRP A 317 5.83 -8.36 31.18
N LEU A 318 4.85 -7.72 30.55
CA LEU A 318 3.46 -8.13 30.61
C LEU A 318 3.17 -8.97 29.38
N VAL A 319 2.96 -10.26 29.57
CA VAL A 319 2.78 -11.22 28.47
C VAL A 319 1.31 -11.61 28.42
N THR A 320 0.58 -11.10 27.42
CA THR A 320 -0.84 -11.36 27.26
C THR A 320 -1.12 -11.61 25.78
N GLU A 321 -2.36 -12.04 25.48
CA GLU A 321 -2.69 -12.48 24.12
C GLU A 321 -3.74 -11.55 23.52
N THR A 322 -3.32 -10.31 23.22
CA THR A 322 -4.26 -9.30 22.72
C THR A 322 -3.73 -8.73 21.43
N ALA A 323 -4.57 -7.93 20.78
CA ALA A 323 -4.19 -7.28 19.54
C ALA A 323 -2.99 -6.36 19.71
N ALA A 324 -2.71 -5.90 20.94
CA ALA A 324 -1.55 -5.04 21.14
C ALA A 324 -0.24 -5.75 20.80
N GLN A 325 -0.23 -7.09 20.84
CA GLN A 325 0.96 -7.85 20.45
C GLN A 325 1.43 -7.48 19.04
N PHE A 326 0.52 -7.02 18.19
CA PHE A 326 0.85 -6.75 16.80
C PHE A 326 1.38 -5.34 16.59
N ALA A 327 1.68 -4.62 17.66
CA ALA A 327 2.31 -3.30 17.58
C ALA A 327 3.46 -3.22 16.57
N PRO A 328 4.42 -4.17 16.52
CA PRO A 328 5.54 -4.01 15.58
C PRO A 328 5.11 -4.02 14.13
N LEU A 329 3.95 -4.61 13.82
CA LEU A 329 3.48 -4.56 12.44
C LEU A 329 3.15 -3.13 12.03
N LEU A 330 2.73 -2.30 13.00
CA LEU A 330 2.36 -0.93 12.67
C LEU A 330 3.60 -0.12 12.27
N CYS A 331 4.64 -0.20 13.08
CA CYS A 331 5.76 0.71 12.94
C CYS A 331 6.96 0.12 12.20
N GLY A 332 7.00 -1.20 11.94
CA GLY A 332 8.18 -1.80 11.35
C GLY A 332 9.28 -2.05 12.38
N GLY A 333 10.41 -2.57 11.89
CA GLY A 333 11.61 -2.71 12.69
C GLY A 333 11.97 -4.14 13.05
N LEU A 334 11.04 -5.09 12.98
CA LEU A 334 11.41 -6.46 13.29
C LEU A 334 12.31 -7.01 12.18
N PRO A 335 13.25 -7.90 12.53
CA PRO A 335 13.95 -8.67 11.50
C PRO A 335 12.95 -9.45 10.67
N HIS A 336 13.34 -9.70 9.41
CA HIS A 336 12.48 -10.35 8.42
C HIS A 336 11.81 -11.61 8.98
N ASP A 337 12.59 -12.52 9.55
CA ASP A 337 12.07 -13.80 9.99
C ASP A 337 11.08 -13.65 11.14
N ARG A 338 11.34 -12.73 12.08
CA ARG A 338 10.40 -12.56 13.20
C ARG A 338 9.13 -11.82 12.78
N GLU A 339 9.19 -10.94 11.78
CA GLU A 339 7.95 -10.32 11.33
C GLU A 339 7.09 -11.32 10.57
N ARG A 340 7.70 -12.27 9.86
CA ARG A 340 6.94 -13.34 9.23
C ARG A 340 6.23 -14.19 10.29
N ALA A 341 6.92 -14.49 11.40
CA ALA A 341 6.28 -15.23 12.49
C ALA A 341 5.12 -14.44 13.08
N LEU A 342 5.30 -13.13 13.26
CA LEU A 342 4.22 -12.33 13.83
C LEU A 342 3.01 -12.29 12.89
N LEU A 343 3.25 -12.19 11.58
CA LEU A 343 2.14 -12.20 10.64
C LEU A 343 1.44 -13.57 10.65
N LYS A 344 2.21 -14.64 10.79
CA LYS A 344 1.62 -15.97 10.95
C LYS A 344 0.72 -16.03 12.18
N LEU A 345 1.15 -15.44 13.29
CA LEU A 345 0.30 -15.39 14.48
C LEU A 345 -0.96 -14.58 14.20
N LEU A 346 -0.82 -13.47 13.48
CA LEU A 346 -1.96 -12.62 13.18
C LEU A 346 -2.99 -13.37 12.34
N GLU A 347 -2.53 -14.10 11.33
CA GLU A 347 -3.44 -14.69 10.38
C GLU A 347 -3.92 -16.07 10.81
N GLY A 348 -3.31 -16.65 11.83
CA GLY A 348 -3.59 -18.01 12.20
C GLY A 348 -4.76 -18.14 13.15
N PRO A 349 -4.91 -19.34 13.72
CA PRO A 349 -6.13 -19.67 14.46
C PRO A 349 -6.28 -18.95 15.78
N ARG A 350 -5.24 -18.25 16.27
CA ARG A 350 -5.39 -17.49 17.50
C ARG A 350 -5.99 -16.12 17.28
N PHE A 351 -5.98 -15.63 16.04
CA PHE A 351 -6.59 -14.35 15.76
C PHE A 351 -7.47 -14.43 14.50
N CYS A 352 -7.02 -13.87 13.37
CA CYS A 352 -7.94 -13.69 12.23
C CYS A 352 -8.40 -15.01 11.64
N GLY A 353 -7.62 -16.07 11.78
CA GLY A 353 -7.99 -17.35 11.25
C GLY A 353 -8.74 -18.25 12.20
N HIS A 354 -9.22 -17.73 13.33
CA HIS A 354 -9.96 -18.58 14.26
C HIS A 354 -11.21 -19.10 13.56
N PRO A 355 -11.52 -20.40 13.65
CA PRO A 355 -12.57 -20.95 12.79
C PRO A 355 -13.99 -20.51 13.14
N ASP A 356 -14.23 -19.98 14.33
CA ASP A 356 -15.57 -19.59 14.73
C ASP A 356 -15.88 -18.12 14.45
N LEU A 357 -14.91 -17.34 13.99
CA LEU A 357 -15.16 -15.92 13.75
C LEU A 357 -16.11 -15.73 12.57
N LYS A 358 -17.06 -14.80 12.72
CA LYS A 358 -17.96 -14.50 11.62
C LYS A 358 -17.23 -13.78 10.48
N TYR A 359 -16.33 -12.86 10.81
CA TYR A 359 -15.55 -12.10 9.85
C TYR A 359 -14.06 -12.30 10.10
N GLY A 360 -13.27 -12.20 9.04
CA GLY A 360 -11.83 -12.36 9.16
C GLY A 360 -11.18 -11.07 9.65
N LEU A 361 -11.35 -10.80 10.93
CA LEU A 361 -10.96 -9.54 11.57
C LEU A 361 -10.19 -9.86 12.84
N ILE A 362 -9.56 -8.85 13.43
CA ILE A 362 -8.65 -9.03 14.57
C ILE A 362 -9.45 -8.80 15.85
N PRO A 363 -9.72 -9.82 16.65
CA PRO A 363 -10.39 -9.59 17.94
C PRO A 363 -9.47 -8.85 18.90
N SER A 364 -10.06 -8.08 19.82
CA SER A 364 -9.23 -7.30 20.74
C SER A 364 -8.41 -8.21 21.65
N THR A 365 -8.95 -9.37 22.01
CA THR A 365 -8.22 -10.41 22.75
C THR A 365 -8.36 -11.71 21.97
N SER A 366 -7.31 -12.54 21.96
CA SER A 366 -7.37 -13.80 21.23
C SER A 366 -8.53 -14.67 21.74
N PRO A 367 -9.37 -15.23 20.85
CA PRO A 367 -10.43 -16.14 21.30
C PRO A 367 -9.91 -17.36 22.04
N VAL A 368 -8.63 -17.72 21.88
CA VAL A 368 -8.13 -18.91 22.58
C VAL A 368 -7.49 -18.58 23.92
N SER A 369 -7.37 -17.30 24.27
CA SER A 369 -6.86 -16.91 25.58
C SER A 369 -7.89 -17.18 26.67
N ARG A 370 -7.41 -17.63 27.84
CA ARG A 370 -8.30 -17.76 28.99
C ARG A 370 -8.94 -16.44 29.40
N ASP A 371 -8.33 -15.30 29.02
CA ASP A 371 -8.87 -14.00 29.38
C ASP A 371 -9.98 -13.53 28.42
N PHE A 372 -10.25 -14.28 27.37
CA PHE A 372 -11.18 -13.85 26.31
C PHE A 372 -12.60 -13.80 26.86
N ARG A 373 -13.28 -12.72 26.55
CA ARG A 373 -14.69 -12.53 26.85
C ARG A 373 -15.31 -11.95 25.59
N PRO A 374 -16.21 -12.65 24.90
CA PRO A 374 -16.63 -12.18 23.58
C PRO A 374 -17.47 -10.93 23.58
N ARG A 375 -18.00 -10.51 24.73
CA ARG A 375 -18.86 -9.32 24.79
C ARG A 375 -18.23 -8.12 25.51
N GLU A 376 -17.10 -8.31 26.17
CA GLU A 376 -16.73 -7.44 27.28
C GLU A 376 -15.71 -6.38 26.87
N TYR A 377 -16.17 -5.42 26.06
CA TYR A 377 -15.43 -4.18 25.83
C TYR A 377 -14.08 -4.50 25.16
N TRP A 378 -12.93 -4.32 25.83
CA TRP A 378 -11.67 -4.62 25.16
C TRP A 378 -11.12 -6.01 25.48
N ARG A 379 -11.93 -6.90 26.06
CA ARG A 379 -11.47 -8.24 26.41
C ARG A 379 -11.80 -9.30 25.35
N GLY A 380 -12.03 -8.91 24.10
CA GLY A 380 -12.43 -9.92 23.14
C GLY A 380 -13.14 -9.40 21.89
N PRO A 381 -14.09 -8.45 22.03
CA PRO A 381 -14.86 -8.00 20.86
C PRO A 381 -13.99 -7.46 19.72
N VAL A 382 -14.55 -7.48 18.49
CA VAL A 382 -13.90 -6.88 17.33
C VAL A 382 -14.29 -5.41 17.25
N TRP A 383 -13.29 -4.53 17.18
CA TRP A 383 -13.50 -3.08 17.18
C TRP A 383 -13.26 -2.51 15.79
N PRO A 384 -14.28 -1.92 15.13
CA PRO A 384 -14.04 -1.34 13.80
C PRO A 384 -12.89 -0.34 13.77
N VAL A 385 -12.70 0.44 14.84
CA VAL A 385 -11.61 1.42 14.83
C VAL A 385 -10.26 0.72 14.72
N LEU A 386 -10.08 -0.44 15.38
CA LEU A 386 -8.82 -1.17 15.26
C LEU A 386 -8.67 -1.77 13.87
N THR A 387 -9.76 -2.30 13.30
CA THR A 387 -9.71 -2.77 11.91
C THR A 387 -9.19 -1.68 10.99
N TRP A 388 -9.71 -0.46 11.15
CA TRP A 388 -9.30 0.66 10.30
C TRP A 388 -7.82 0.98 10.50
N LEU A 389 -7.40 1.10 11.76
CA LEU A 389 -6.00 1.48 12.03
C LEU A 389 -5.04 0.42 11.50
N PHE A 390 -5.36 -0.87 11.73
CA PHE A 390 -4.49 -1.91 11.20
C PHE A 390 -4.50 -1.89 9.67
N SER A 391 -5.67 -1.73 9.05
CA SER A 391 -5.69 -1.75 7.58
CA SER A 391 -5.71 -1.74 7.59
C SER A 391 -4.90 -0.59 7.01
N TRP A 392 -5.03 0.61 7.58
CA TRP A 392 -4.27 1.75 7.09
C TRP A 392 -2.77 1.57 7.28
N CYS A 393 -2.35 1.11 8.46
CA CYS A 393 -0.93 0.87 8.72
C CYS A 393 -0.40 -0.25 7.82
N PHE A 394 -1.21 -1.29 7.58
CA PHE A 394 -0.75 -2.37 6.70
C PHE A 394 -0.55 -1.86 5.27
N ALA A 395 -1.49 -1.04 4.77
CA ALA A 395 -1.31 -0.48 3.43
C ALA A 395 -0.02 0.33 3.36
N ARG A 396 0.28 1.08 4.43
N ARG A 396 0.26 1.07 4.44
CA ARG A 396 1.50 1.89 4.49
CA ARG A 396 1.47 1.89 4.53
C ARG A 396 2.76 1.03 4.55
C ARG A 396 2.74 1.06 4.61
N ARG A 397 2.66 -0.19 5.10
CA ARG A 397 3.80 -1.11 5.04
C ARG A 397 4.01 -1.65 3.63
N GLY A 398 3.04 -1.49 2.74
CA GLY A 398 3.10 -2.08 1.42
C GLY A 398 2.33 -3.37 1.29
N TRP A 399 1.57 -3.75 2.32
CA TRP A 399 0.88 -5.04 2.32
C TRP A 399 -0.52 -4.79 1.77
N ALA A 400 -0.57 -4.55 0.45
CA ALA A 400 -1.79 -4.04 -0.17
C ALA A 400 -2.93 -5.03 -0.01
N GLU A 401 -2.65 -6.31 -0.28
CA GLU A 401 -3.72 -7.31 -0.20
C GLU A 401 -4.16 -7.56 1.24
N ARG A 402 -3.24 -7.61 2.21
CA ARG A 402 -3.66 -7.74 3.61
C ARG A 402 -4.56 -6.58 4.03
N ALA A 403 -4.17 -5.36 3.66
CA ALA A 403 -5.00 -4.20 4.01
C ALA A 403 -6.37 -4.29 3.35
N ARG A 404 -6.41 -4.73 2.10
CA ARG A 404 -7.68 -4.81 1.38
C ARG A 404 -8.62 -5.82 2.04
N LEU A 405 -8.06 -6.94 2.50
CA LEU A 405 -8.89 -7.96 3.10
C LEU A 405 -9.51 -7.48 4.41
N LEU A 406 -8.74 -6.75 5.22
CA LEU A 406 -9.30 -6.16 6.44
C LEU A 406 -10.40 -5.16 6.11
N ARG A 407 -10.16 -4.30 5.12
N ARG A 407 -10.14 -4.31 5.11
CA ARG A 407 -11.19 -3.35 4.72
CA ARG A 407 -11.14 -3.33 4.67
C ARG A 407 -12.45 -4.06 4.23
C ARG A 407 -12.42 -4.03 4.20
N GLN A 408 -12.28 -5.12 3.43
CA GLN A 408 -13.44 -5.84 2.92
C GLN A 408 -14.26 -6.46 4.05
N GLU A 409 -13.59 -7.10 5.01
CA GLU A 409 -14.33 -7.74 6.10
C GLU A 409 -14.90 -6.71 7.05
N GLY A 410 -14.20 -5.59 7.22
CA GLY A 410 -14.73 -4.52 8.06
C GLY A 410 -16.00 -3.92 7.47
N LEU A 411 -16.03 -3.73 6.15
CA LEU A 411 -17.24 -3.23 5.50
C LEU A 411 -18.37 -4.25 5.54
N ARG A 412 -18.06 -5.54 5.38
CA ARG A 412 -19.09 -6.56 5.51
C ARG A 412 -19.68 -6.52 6.91
N GLN A 413 -18.84 -6.38 7.92
CA GLN A 413 -19.33 -6.36 9.27
C GLN A 413 -20.20 -5.12 9.54
N ALA A 414 -19.79 -3.98 9.00
CA ALA A 414 -20.50 -2.70 9.22
C ALA A 414 -21.74 -2.58 8.36
N SER A 415 -22.03 -3.53 7.49
CA SER A 415 -23.10 -3.34 6.51
CA SER A 415 -23.11 -3.33 6.53
C SER A 415 -24.49 -3.48 7.14
N ASP A 416 -24.59 -3.87 8.42
CA ASP A 416 -25.88 -3.81 9.11
C ASP A 416 -26.33 -2.37 9.36
N GLY A 417 -25.41 -1.40 9.24
CA GLY A 417 -25.74 -0.02 9.53
C GLY A 417 -25.93 0.31 10.99
N SER A 418 -25.45 -0.54 11.91
CA SER A 418 -25.62 -0.20 13.32
C SER A 418 -24.53 0.75 13.78
N PHE A 419 -23.41 0.79 13.06
CA PHE A 419 -22.23 1.56 13.43
C PHE A 419 -21.88 1.33 14.88
N ALA A 420 -21.87 0.05 15.26
CA ALA A 420 -21.62 -0.31 16.65
C ALA A 420 -20.21 0.04 17.08
N GLU A 421 -20.07 0.31 18.38
CA GLU A 421 -18.78 0.54 18.99
C GLU A 421 -17.85 -0.68 18.86
N TYR A 422 -18.38 -1.88 19.10
CA TYR A 422 -17.66 -3.11 18.83
C TYR A 422 -18.68 -4.20 18.55
N TYR A 423 -18.19 -5.34 18.04
CA TYR A 423 -19.03 -6.43 17.59
C TYR A 423 -18.62 -7.76 18.23
N GLU A 424 -19.60 -8.60 18.48
CA GLU A 424 -19.33 -9.94 19.00
C GLU A 424 -18.56 -10.73 17.93
N PRO A 425 -17.42 -11.37 18.26
CA PRO A 425 -16.55 -11.89 17.18
C PRO A 425 -17.12 -13.10 16.48
N PHE A 426 -17.98 -13.85 17.15
CA PHE A 426 -18.55 -15.09 16.61
C PHE A 426 -19.90 -14.90 15.94
N THR A 427 -20.79 -14.12 16.54
CA THR A 427 -22.14 -13.94 16.02
C THR A 427 -22.29 -12.69 15.17
N GLY A 428 -21.39 -11.73 15.34
CA GLY A 428 -21.52 -10.43 14.72
C GLY A 428 -22.53 -9.52 15.36
N GLU A 429 -23.03 -9.85 16.55
CA GLU A 429 -24.00 -8.98 17.22
C GLU A 429 -23.37 -7.62 17.49
N PRO A 430 -24.07 -6.52 17.20
CA PRO A 430 -23.55 -5.18 17.57
C PRO A 430 -23.56 -5.01 19.08
N LEU A 431 -22.47 -4.46 19.62
CA LEU A 431 -22.30 -4.27 21.05
C LEU A 431 -21.85 -2.84 21.36
N GLY A 432 -21.83 -2.52 22.65
CA GLY A 432 -21.46 -1.18 23.08
C GLY A 432 -22.47 -0.16 22.59
N SER A 433 -22.01 1.08 22.41
CA SER A 433 -22.93 2.09 21.91
C SER A 433 -23.23 1.81 20.44
N MET A 434 -24.48 2.01 20.05
CA MET A 434 -24.75 2.14 18.63
C MET A 434 -24.38 3.56 18.20
N GLN A 435 -24.31 3.78 16.88
CA GLN A 435 -24.06 5.10 16.31
C GLN A 435 -22.76 5.71 16.85
N GLN A 436 -21.72 4.87 16.93
CA GLN A 436 -20.40 5.28 17.40
C GLN A 436 -19.68 6.04 16.29
N SER A 437 -19.22 7.28 16.58
CA SER A 437 -18.70 8.14 15.52
C SER A 437 -17.50 7.51 14.80
N TRP A 438 -16.55 6.89 15.51
CA TRP A 438 -15.39 6.46 14.77
C TRP A 438 -15.68 5.20 13.96
N THR A 439 -16.77 4.50 14.23
CA THR A 439 -17.14 3.39 13.34
C THR A 439 -17.70 3.91 12.02
N ALA A 440 -18.54 4.95 12.09
CA ALA A 440 -18.98 5.62 10.86
C ALA A 440 -17.80 6.22 10.11
N ALA A 441 -16.81 6.77 10.84
CA ALA A 441 -15.67 7.39 10.16
C ALA A 441 -14.85 6.35 9.42
N ALA A 442 -14.66 5.17 10.01
CA ALA A 442 -13.95 4.11 9.31
C ALA A 442 -14.65 3.75 8.01
N VAL A 443 -15.97 3.58 8.09
CA VAL A 443 -16.74 3.24 6.90
C VAL A 443 -16.61 4.31 5.84
N LEU A 444 -16.72 5.59 6.25
CA LEU A 444 -16.60 6.68 5.28
C LEU A 444 -15.23 6.70 4.63
N ASP A 445 -14.16 6.55 5.43
CA ASP A 445 -12.83 6.52 4.83
C ASP A 445 -12.69 5.35 3.87
N TRP A 446 -13.16 4.17 4.25
CA TRP A 446 -13.03 2.99 3.41
C TRP A 446 -13.78 3.14 2.10
N LEU A 447 -14.74 4.11 2.05
N LEU A 447 -15.03 3.59 2.17
CA LEU A 447 -15.65 4.38 0.91
CA LEU A 447 -15.85 3.42 0.98
C LEU A 447 -15.66 5.82 0.38
C LEU A 447 -15.24 4.17 -0.18
N GLY A 448 -14.97 6.77 1.00
N GLY A 448 -14.52 5.26 0.09
CA GLY A 448 -15.04 8.16 0.58
CA GLY A 448 -14.02 6.12 -0.96
C GLY A 448 -13.92 8.64 -0.32
C GLY A 448 -15.17 6.58 -1.82
N PRO B 4 -23.81 9.53 -27.15
CA PRO B 4 -24.52 10.73 -26.69
C PRO B 4 -23.67 11.62 -25.79
N HIS B 5 -24.32 12.28 -24.83
CA HIS B 5 -23.64 13.26 -23.97
C HIS B 5 -22.46 12.67 -23.20
N ASP B 6 -22.38 11.33 -23.10
CA ASP B 6 -21.35 10.68 -22.29
C ASP B 6 -21.11 9.27 -22.83
N PRO B 7 -20.06 9.07 -23.63
CA PRO B 7 -19.79 7.73 -24.18
C PRO B 7 -18.98 6.85 -23.23
N SER B 8 -18.90 7.20 -21.95
CA SER B 8 -18.15 6.36 -21.02
C SER B 8 -19.04 5.24 -20.49
N PHE B 9 -18.39 4.15 -20.10
CA PHE B 9 -19.04 2.98 -19.54
C PHE B 9 -19.00 3.02 -18.02
N THR B 10 -20.00 2.41 -17.39
CA THR B 10 -19.99 2.25 -15.94
C THR B 10 -18.91 1.25 -15.56
N PRO B 11 -18.51 1.19 -14.27
CA PRO B 11 -17.53 0.16 -13.85
C PRO B 11 -17.97 -1.26 -14.20
N THR B 12 -19.25 -1.62 -14.00
CA THR B 12 -19.67 -2.97 -14.34
C THR B 12 -19.65 -3.19 -15.85
N GLN B 13 -20.13 -2.21 -16.63
CA GLN B 13 -20.05 -2.36 -18.09
C GLN B 13 -18.60 -2.51 -18.54
N LEU B 14 -17.69 -1.72 -17.96
CA LEU B 14 -16.29 -1.77 -18.40
C LEU B 14 -15.65 -3.09 -18.04
N ALA B 15 -15.91 -3.59 -16.83
CA ALA B 15 -15.35 -4.87 -16.42
C ALA B 15 -15.85 -5.97 -17.33
N ALA B 16 -17.14 -5.94 -17.65
CA ALA B 16 -17.71 -6.94 -18.55
C ALA B 16 -17.05 -6.88 -19.92
N ARG B 17 -16.91 -5.67 -20.48
N ARG B 17 -16.88 -5.67 -20.47
CA ARG B 17 -16.29 -5.56 -21.80
CA ARG B 17 -16.29 -5.58 -21.80
C ARG B 17 -14.83 -5.98 -21.77
C ARG B 17 -14.81 -5.92 -21.80
N ALA B 18 -14.13 -5.71 -20.67
CA ALA B 18 -12.72 -6.13 -20.58
C ALA B 18 -12.60 -7.65 -20.57
N ALA B 19 -13.45 -8.33 -19.80
CA ALA B 19 -13.43 -9.79 -19.79
C ALA B 19 -13.86 -10.36 -21.14
N TYR B 20 -14.86 -9.72 -21.77
CA TYR B 20 -15.29 -10.14 -23.10
C TYR B 20 -14.13 -10.08 -24.10
N LEU B 21 -13.37 -8.99 -24.05
CA LEU B 21 -12.19 -8.84 -24.91
C LEU B 21 -11.16 -9.94 -24.64
N LEU B 22 -10.83 -10.17 -23.37
CA LEU B 22 -9.75 -11.12 -23.08
C LEU B 22 -10.11 -12.52 -23.56
N ARG B 23 -11.37 -12.94 -23.33
CA ARG B 23 -11.81 -14.23 -23.86
C ARG B 23 -11.83 -14.22 -25.38
N GLY B 24 -12.12 -13.06 -26.00
CA GLY B 24 -12.14 -13.01 -27.47
C GLY B 24 -10.75 -13.12 -28.10
N ASN B 25 -9.70 -12.70 -27.38
CA ASN B 25 -8.32 -12.82 -27.87
C ASN B 25 -7.67 -14.15 -27.49
N ASP B 26 -8.44 -15.06 -26.87
CA ASP B 26 -7.95 -16.37 -26.43
C ASP B 26 -7.98 -17.35 -27.61
N LEU B 27 -6.80 -17.86 -28.01
CA LEU B 27 -6.76 -18.84 -29.08
C LEU B 27 -7.01 -20.26 -28.61
N GLY B 28 -7.06 -20.47 -27.30
CA GLY B 28 -7.27 -21.79 -26.76
C GLY B 28 -6.41 -21.95 -25.53
N THR B 29 -5.08 -21.91 -25.71
CA THR B 29 -4.14 -21.96 -24.60
C THR B 29 -3.22 -20.76 -24.55
N MET B 30 -3.34 -19.83 -25.49
CA MET B 30 -2.61 -18.58 -25.44
C MET B 30 -3.53 -17.45 -25.86
N THR B 31 -3.27 -16.29 -25.31
CA THR B 31 -4.04 -15.09 -25.61
C THR B 31 -3.18 -14.19 -26.48
N THR B 32 -3.70 -13.75 -27.63
CA THR B 32 -2.89 -12.85 -28.43
C THR B 32 -2.80 -11.50 -27.74
N ALA B 33 -1.70 -10.78 -28.00
CA ALA B 33 -1.54 -9.47 -27.35
C ALA B 33 -2.54 -8.46 -27.90
N ALA B 34 -2.99 -8.63 -29.13
CA ALA B 34 -4.04 -7.82 -29.73
C ALA B 34 -4.71 -8.68 -30.80
N PRO B 35 -5.86 -8.26 -31.33
CA PRO B 35 -6.52 -9.12 -32.35
C PRO B 35 -5.71 -9.28 -33.65
N LEU B 36 -5.11 -8.21 -34.14
CA LEU B 36 -4.49 -8.28 -35.46
C LEU B 36 -3.05 -7.78 -35.50
N LEU B 37 -2.76 -6.67 -34.79
CA LEU B 37 -1.42 -6.11 -34.81
C LEU B 37 -0.43 -7.07 -34.19
N TYR B 38 -0.84 -7.73 -33.11
CA TYR B 38 0.02 -8.63 -32.35
C TYR B 38 -0.69 -9.96 -32.19
N PRO B 39 -0.83 -10.73 -33.29
CA PRO B 39 -1.71 -11.90 -33.28
C PRO B 39 -1.03 -13.16 -32.73
N HIS B 40 -0.11 -12.98 -31.79
CA HIS B 40 0.65 -14.07 -31.17
C HIS B 40 0.73 -13.82 -29.66
N MET B 41 1.40 -14.70 -28.95
CA MET B 41 1.68 -14.50 -27.54
C MET B 41 2.99 -13.71 -27.37
N TRP B 42 2.93 -12.65 -26.57
CA TRP B 42 4.12 -11.91 -26.15
C TRP B 42 4.42 -12.19 -24.68
N SER B 43 5.70 -12.12 -24.31
CA SER B 43 6.11 -12.58 -22.98
C SER B 43 5.59 -11.67 -21.86
N TRP B 44 5.93 -10.38 -21.85
CA TRP B 44 5.41 -9.67 -20.69
C TRP B 44 3.92 -9.38 -20.83
N ASP B 45 3.41 -9.27 -22.07
CA ASP B 45 1.95 -9.24 -22.24
C ASP B 45 1.29 -10.44 -21.59
N ALA B 46 1.87 -11.64 -21.78
CA ALA B 46 1.26 -12.84 -21.22
C ALA B 46 1.23 -12.79 -19.70
N ALA B 47 2.24 -12.15 -19.06
CA ALA B 47 2.16 -12.00 -17.60
C ALA B 47 0.98 -11.11 -17.22
N PHE B 48 0.82 -9.98 -17.91
CA PHE B 48 -0.29 -9.10 -17.59
C PHE B 48 -1.64 -9.75 -17.95
N VAL B 49 -1.69 -10.54 -19.03
CA VAL B 49 -2.93 -11.27 -19.34
C VAL B 49 -3.28 -12.23 -18.21
N ALA B 50 -2.29 -12.93 -17.67
CA ALA B 50 -2.56 -13.83 -16.55
C ALA B 50 -3.10 -13.06 -15.36
N ILE B 51 -2.58 -11.86 -15.12
CA ILE B 51 -3.14 -11.02 -14.06
C ILE B 51 -4.61 -10.68 -14.33
N GLY B 52 -4.93 -10.35 -15.58
CA GLY B 52 -6.33 -10.05 -15.92
C GLY B 52 -7.24 -11.26 -15.88
N LEU B 53 -6.70 -12.46 -16.11
CA LEU B 53 -7.49 -13.68 -16.07
C LEU B 53 -7.73 -14.16 -14.65
N ALA B 54 -6.82 -13.87 -13.73
CA ALA B 54 -6.93 -14.35 -12.35
C ALA B 54 -8.29 -14.08 -11.70
N PRO B 55 -8.93 -12.91 -11.84
CA PRO B 55 -10.28 -12.74 -11.27
C PRO B 55 -11.36 -13.51 -12.02
N LEU B 56 -11.09 -14.00 -13.23
CA LEU B 56 -12.08 -14.70 -14.05
C LEU B 56 -11.97 -16.21 -13.92
N SER B 57 -10.74 -16.73 -13.90
CA SER B 57 -10.51 -18.17 -13.88
C SER B 57 -9.04 -18.37 -13.47
N VAL B 58 -8.82 -18.77 -12.22
CA VAL B 58 -7.44 -19.07 -11.82
C VAL B 58 -6.90 -20.18 -12.71
N GLU B 59 -7.74 -21.15 -13.06
CA GLU B 59 -7.27 -22.24 -13.92
C GLU B 59 -6.73 -21.71 -15.24
N ARG B 60 -7.48 -20.82 -15.90
CA ARG B 60 -7.04 -20.32 -17.20
C ARG B 60 -5.87 -19.36 -17.06
N ALA B 61 -5.80 -18.61 -15.95
CA ALA B 61 -4.63 -17.77 -15.73
C ALA B 61 -3.36 -18.61 -15.66
N VAL B 62 -3.44 -19.75 -14.98
CA VAL B 62 -2.30 -20.67 -14.85
C VAL B 62 -1.92 -21.26 -16.21
N VAL B 63 -2.93 -21.60 -17.02
CA VAL B 63 -2.69 -22.13 -18.38
C VAL B 63 -1.86 -21.13 -19.18
N GLU B 64 -2.17 -19.84 -19.05
CA GLU B 64 -1.44 -18.84 -19.82
C GLU B 64 0.05 -18.89 -19.50
N LEU B 65 0.40 -18.95 -18.22
CA LEU B 65 1.82 -19.02 -17.88
C LEU B 65 2.41 -20.37 -18.23
N ASP B 66 1.62 -21.45 -18.14
CA ASP B 66 2.14 -22.74 -18.56
C ASP B 66 2.50 -22.71 -20.04
N THR B 67 1.67 -22.07 -20.85
CA THR B 67 1.94 -22.02 -22.28
C THR B 67 3.20 -21.20 -22.57
N LEU B 68 3.34 -20.04 -21.94
CA LEU B 68 4.56 -19.26 -22.10
C LEU B 68 5.79 -20.06 -21.70
N LEU B 69 5.74 -20.72 -20.53
CA LEU B 69 6.93 -21.41 -20.03
C LEU B 69 7.23 -22.65 -20.84
N SER B 70 6.22 -23.23 -21.50
CA SER B 70 6.48 -24.36 -22.40
C SER B 70 7.35 -23.94 -23.57
N ALA B 71 7.46 -22.64 -23.85
CA ALA B 71 8.30 -22.10 -24.89
C ALA B 71 9.66 -21.66 -24.38
N GLN B 72 9.95 -21.85 -23.10
CA GLN B 72 11.21 -21.42 -22.52
C GLN B 72 12.39 -22.11 -23.18
N TRP B 73 13.46 -21.36 -23.43
CA TRP B 73 14.64 -21.95 -24.05
C TRP B 73 15.40 -22.81 -23.06
N ARG B 74 16.21 -23.73 -23.59
CA ARG B 74 16.90 -24.72 -22.79
C ARG B 74 17.85 -24.07 -21.76
N ASN B 75 18.33 -22.86 -22.05
CA ASN B 75 19.22 -22.13 -21.14
C ASN B 75 18.45 -21.27 -20.12
N GLY B 76 17.12 -21.28 -20.19
CA GLY B 76 16.27 -20.56 -19.26
C GLY B 76 15.62 -19.31 -19.83
N MET B 77 16.07 -18.83 -20.99
CA MET B 77 15.50 -17.61 -21.54
C MET B 77 14.02 -17.81 -21.88
N ILE B 78 13.19 -16.86 -21.46
CA ILE B 78 11.83 -16.77 -21.96
C ILE B 78 11.87 -15.84 -23.18
N PRO B 79 11.57 -16.34 -24.38
CA PRO B 79 11.60 -15.48 -25.57
C PRO B 79 10.40 -14.54 -25.58
N HIS B 80 10.55 -13.41 -26.27
CA HIS B 80 9.51 -12.40 -26.15
C HIS B 80 8.29 -12.67 -27.03
N ILE B 81 8.39 -13.53 -28.05
CA ILE B 81 7.22 -13.91 -28.84
C ILE B 81 7.13 -15.42 -28.91
N VAL B 82 5.96 -15.96 -28.60
CA VAL B 82 5.63 -17.36 -28.87
C VAL B 82 4.59 -17.34 -29.99
N PHE B 83 4.97 -17.83 -31.18
CA PHE B 83 4.13 -17.66 -32.36
C PHE B 83 2.98 -18.66 -32.34
N ALA B 84 1.80 -18.20 -32.77
CA ALA B 84 0.67 -19.09 -32.91
C ALA B 84 0.80 -19.90 -34.19
N ASN B 85 0.62 -21.22 -34.08
CA ASN B 85 0.80 -22.10 -35.23
C ASN B 85 -0.08 -21.67 -36.39
N GLY B 86 0.53 -21.54 -37.56
CA GLY B 86 -0.19 -21.23 -38.78
C GLY B 86 -0.76 -19.83 -38.87
N VAL B 87 -0.33 -18.92 -38.00
CA VAL B 87 -0.82 -17.55 -38.01
C VAL B 87 0.21 -16.65 -38.65
N ASP B 88 -0.22 -15.85 -39.62
CA ASP B 88 0.61 -14.87 -40.30
C ASP B 88 0.14 -13.47 -39.90
N GLY B 89 0.72 -12.45 -40.53
CA GLY B 89 0.28 -11.09 -40.33
C GLY B 89 1.11 -10.26 -39.37
N TYR B 90 2.16 -10.82 -38.78
CA TYR B 90 3.09 -10.06 -37.95
C TYR B 90 4.50 -10.19 -38.52
N PHE B 91 5.23 -9.07 -38.58
CA PHE B 91 6.61 -9.08 -39.01
C PHE B 91 7.49 -8.35 -38.00
N PRO B 92 8.66 -8.91 -37.62
CA PRO B 92 9.29 -10.16 -38.10
C PRO B 92 8.62 -11.42 -37.54
N GLY B 93 8.23 -12.32 -38.44
CA GLY B 93 7.62 -13.57 -38.05
C GLY B 93 8.66 -14.68 -37.93
N PRO B 94 8.19 -15.91 -37.72
CA PRO B 94 9.14 -17.02 -37.45
C PRO B 94 10.18 -17.24 -38.54
N ALA B 95 9.84 -17.07 -39.82
CA ALA B 95 10.83 -17.31 -40.87
C ALA B 95 11.98 -16.32 -40.78
N ARG B 96 11.69 -15.08 -40.37
CA ARG B 96 12.75 -14.07 -40.27
C ARG B 96 13.66 -14.33 -39.09
N TRP B 97 13.11 -14.73 -37.94
CA TRP B 97 13.95 -15.04 -36.79
C TRP B 97 14.79 -16.29 -37.04
N ALA B 98 14.19 -17.31 -37.66
CA ALA B 98 14.88 -18.56 -38.00
C ALA B 98 15.48 -19.25 -36.76
N THR B 99 14.88 -19.04 -35.57
CA THR B 99 15.38 -19.72 -34.40
C THR B 99 15.15 -21.23 -34.48
N ALA B 100 14.10 -21.66 -35.18
CA ALA B 100 13.82 -23.09 -35.29
C ALA B 100 14.95 -23.85 -35.97
N THR B 101 15.70 -23.19 -36.85
CA THR B 101 16.85 -23.84 -37.48
C THR B 101 18.19 -23.38 -36.93
N LEU B 102 18.27 -22.17 -36.38
CA LEU B 102 19.56 -21.61 -35.97
C LEU B 102 19.84 -21.71 -34.47
N ALA B 103 18.82 -21.70 -33.62
CA ALA B 103 19.02 -21.55 -32.18
C ALA B 103 18.98 -22.93 -31.52
N ASP B 104 20.15 -23.40 -31.09
CA ASP B 104 20.21 -24.72 -30.45
C ASP B 104 19.40 -24.79 -29.16
N ASN B 105 19.14 -23.67 -28.50
CA ASN B 105 18.37 -23.70 -27.24
C ASN B 105 16.87 -23.51 -27.44
N ALA B 106 16.42 -23.22 -28.66
CA ALA B 106 15.00 -22.94 -28.85
C ALA B 106 14.17 -24.22 -28.65
N PRO B 107 12.95 -24.09 -28.16
CA PRO B 107 12.16 -25.30 -27.90
C PRO B 107 11.78 -26.00 -29.20
N ARG B 108 11.68 -27.33 -29.11
CA ARG B 108 11.31 -28.12 -30.28
C ARG B 108 9.86 -27.87 -30.71
N ASN B 109 8.96 -27.66 -29.76
CA ASN B 109 7.52 -27.69 -30.00
C ASN B 109 6.87 -26.34 -30.15
N ARG B 110 7.65 -25.26 -30.09
CA ARG B 110 7.09 -23.93 -30.26
C ARG B 110 7.98 -23.14 -31.21
N LEU B 111 7.37 -22.31 -32.03
CA LEU B 111 8.11 -21.30 -32.78
C LEU B 111 8.21 -20.06 -31.92
N THR B 112 9.41 -19.51 -31.77
CA THR B 112 9.59 -18.33 -30.91
C THR B 112 10.54 -17.33 -31.56
N SER B 113 10.58 -16.13 -30.99
CA SER B 113 11.63 -15.18 -31.31
C SER B 113 12.93 -15.61 -30.64
N GLY B 114 13.95 -14.76 -30.74
CA GLY B 114 15.26 -15.12 -30.25
C GLY B 114 15.83 -14.10 -29.29
N ILE B 115 14.96 -13.27 -28.72
CA ILE B 115 15.34 -12.25 -27.75
C ILE B 115 14.34 -12.38 -26.59
N THR B 116 14.59 -11.63 -25.52
CA THR B 116 13.80 -11.78 -24.30
C THR B 116 12.97 -10.50 -24.04
N GLN B 117 12.38 -10.39 -22.84
CA GLN B 117 11.54 -9.25 -22.46
C GLN B 117 11.46 -9.21 -20.93
N PRO B 118 10.89 -8.14 -20.36
CA PRO B 118 11.06 -7.90 -18.91
C PRO B 118 10.41 -8.97 -18.07
N PRO B 119 11.00 -9.28 -16.88
CA PRO B 119 10.55 -10.41 -16.05
C PRO B 119 9.46 -10.04 -15.04
N VAL B 120 8.32 -9.58 -15.57
CA VAL B 120 7.17 -9.29 -14.70
C VAL B 120 6.45 -10.55 -14.26
N HIS B 121 6.90 -11.73 -14.72
CA HIS B 121 6.14 -12.97 -14.54
C HIS B 121 5.88 -13.29 -13.08
N ALA B 122 6.88 -13.08 -12.20
CA ALA B 122 6.66 -13.34 -10.77
C ALA B 122 5.50 -12.51 -10.20
N ILE B 123 5.32 -11.28 -10.70
CA ILE B 123 4.21 -10.45 -10.22
C ILE B 123 2.87 -11.08 -10.56
N ALA B 124 2.74 -11.63 -11.76
CA ALA B 124 1.52 -12.36 -12.14
C ALA B 124 1.28 -13.56 -11.23
N VAL B 125 2.35 -14.29 -10.89
CA VAL B 125 2.20 -15.43 -9.98
C VAL B 125 1.66 -14.96 -8.64
N GLN B 126 2.19 -13.86 -8.11
CA GLN B 126 1.66 -13.32 -6.87
C GLN B 126 0.16 -13.00 -6.99
N ARG B 127 -0.25 -12.34 -8.09
CA ARG B 127 -1.67 -11.99 -8.20
C ARG B 127 -2.54 -13.24 -8.31
N ILE B 128 -2.07 -14.24 -9.05
CA ILE B 128 -2.81 -15.49 -9.14
C ILE B 128 -2.97 -16.11 -7.75
N LEU B 129 -1.89 -16.15 -6.97
CA LEU B 129 -1.94 -16.74 -5.63
C LEU B 129 -2.89 -15.95 -4.73
N GLU B 130 -2.84 -14.63 -4.80
CA GLU B 130 -3.75 -13.83 -3.98
C GLU B 130 -5.20 -14.09 -4.33
N HIS B 131 -5.54 -14.17 -5.62
CA HIS B 131 -6.91 -14.52 -6.00
C HIS B 131 -7.27 -15.92 -5.52
N ALA B 132 -6.39 -16.89 -5.78
CA ALA B 132 -6.66 -18.28 -5.40
C ALA B 132 -6.93 -18.41 -3.90
N ARG B 133 -6.19 -17.66 -3.07
CA ARG B 133 -6.41 -17.78 -1.63
C ARG B 133 -7.76 -17.24 -1.18
N THR B 134 -8.40 -16.38 -1.97
CA THR B 134 -9.75 -15.94 -1.64
C THR B 134 -10.85 -16.86 -2.17
N ARG B 135 -10.49 -17.91 -2.91
N ARG B 135 -10.49 -17.89 -2.90
CA ARG B 135 -11.49 -18.70 -3.62
CA ARG B 135 -11.46 -18.69 -3.63
C ARG B 135 -11.56 -20.15 -3.16
C ARG B 135 -11.74 -20.05 -2.99
N GLY B 136 -10.91 -20.51 -2.05
CA GLY B 136 -11.15 -21.81 -1.45
C GLY B 136 -10.19 -22.88 -1.93
N ARG B 137 -10.44 -24.11 -1.44
CA ARG B 137 -9.40 -25.12 -1.43
C ARG B 137 -9.10 -25.64 -2.84
N SER B 138 -10.14 -25.96 -3.62
CA SER B 138 -9.90 -26.50 -4.95
C SER B 138 -9.13 -25.53 -5.83
N THR B 139 -9.37 -24.23 -5.66
CA THR B 139 -8.66 -23.23 -6.46
C THR B 139 -7.24 -23.00 -5.92
N ARG B 140 -7.06 -22.98 -4.61
CA ARG B 140 -5.70 -22.95 -4.06
C ARG B 140 -4.89 -24.15 -4.55
N ALA B 141 -5.52 -25.33 -4.65
CA ALA B 141 -4.80 -26.49 -5.15
C ALA B 141 -4.30 -26.28 -6.56
N VAL B 142 -5.10 -25.66 -7.43
CA VAL B 142 -4.69 -25.39 -8.81
C VAL B 142 -3.46 -24.50 -8.84
N ALA B 143 -3.46 -23.45 -8.04
CA ALA B 143 -2.32 -22.52 -8.01
C ALA B 143 -1.09 -23.15 -7.37
N GLU B 144 -1.28 -23.91 -6.30
CA GLU B 144 -0.16 -24.60 -5.68
C GLU B 144 0.41 -25.65 -6.62
N ALA B 145 -0.44 -26.34 -7.38
CA ALA B 145 0.06 -27.32 -8.33
C ALA B 145 0.89 -26.65 -9.42
N PHE B 146 0.49 -25.43 -9.84
CA PHE B 146 1.29 -24.67 -10.79
C PHE B 146 2.67 -24.36 -10.20
N LEU B 147 2.73 -23.96 -8.92
CA LEU B 147 4.02 -23.73 -8.28
C LEU B 147 4.89 -24.97 -8.30
N ASP B 148 4.32 -26.13 -7.97
CA ASP B 148 5.08 -27.37 -8.00
C ASP B 148 5.63 -27.63 -9.40
N ARG B 149 4.81 -27.38 -10.41
CA ARG B 149 5.15 -27.73 -11.79
C ARG B 149 6.15 -26.74 -12.41
N ARG B 150 6.13 -25.48 -11.99
CA ARG B 150 6.83 -24.41 -12.70
C ARG B 150 7.83 -23.64 -11.85
N TRP B 151 7.94 -23.93 -10.56
CA TRP B 151 8.93 -23.21 -9.74
C TRP B 151 10.33 -23.32 -10.36
N GLY B 152 10.72 -24.52 -10.77
CA GLY B 152 12.05 -24.72 -11.36
C GLY B 152 12.26 -23.92 -12.63
N ASP B 153 11.22 -23.85 -13.49
CA ASP B 153 11.31 -23.04 -14.69
C ASP B 153 11.45 -21.56 -14.36
N LEU B 154 10.70 -21.07 -13.37
CA LEU B 154 10.83 -19.67 -12.97
C LEU B 154 12.22 -19.37 -12.40
N MET B 155 12.78 -20.29 -11.60
CA MET B 155 14.14 -20.12 -11.14
C MET B 155 15.13 -20.04 -12.30
N ARG B 156 14.98 -20.93 -13.29
N ARG B 156 14.97 -20.91 -13.30
CA ARG B 156 15.92 -20.95 -14.42
CA ARG B 156 15.91 -20.95 -14.40
C ARG B 156 15.82 -19.67 -15.22
C ARG B 156 15.81 -19.70 -15.27
N TRP B 157 14.61 -19.10 -15.34
CA TRP B 157 14.43 -17.81 -15.98
C TRP B 157 15.19 -16.72 -15.24
N HIS B 158 14.97 -16.61 -13.93
CA HIS B 158 15.71 -15.61 -13.15
C HIS B 158 17.22 -15.89 -13.17
N ARG B 159 17.61 -17.16 -13.15
N ARG B 159 17.62 -17.17 -13.14
CA ARG B 159 19.04 -17.48 -13.13
CA ARG B 159 19.05 -17.45 -13.12
C ARG B 159 19.70 -17.11 -14.46
C ARG B 159 19.70 -17.08 -14.46
N TRP B 160 19.01 -17.34 -15.57
CA TRP B 160 19.57 -16.96 -16.87
C TRP B 160 19.77 -15.45 -16.96
N LEU B 161 18.78 -14.68 -16.49
CA LEU B 161 18.95 -13.23 -16.42
C LEU B 161 20.16 -12.86 -15.57
N ALA B 162 20.23 -13.40 -14.34
CA ALA B 162 21.28 -12.98 -13.42
C ALA B 162 22.65 -13.43 -13.89
N GLU B 163 22.75 -14.61 -14.50
CA GLU B 163 24.09 -15.11 -14.83
C GLU B 163 24.50 -14.76 -16.24
N CYS B 164 23.57 -14.70 -17.20
N CYS B 164 23.58 -14.73 -17.20
CA CYS B 164 23.96 -14.54 -18.60
CA CYS B 164 23.97 -14.53 -18.59
C CYS B 164 23.74 -13.13 -19.15
C CYS B 164 23.85 -13.08 -19.04
N ARG B 165 22.84 -12.35 -18.56
CA ARG B 165 22.68 -10.96 -18.96
C ARG B 165 23.27 -10.00 -17.95
N ASP B 166 23.91 -10.52 -16.90
CA ASP B 166 24.70 -9.74 -15.95
C ASP B 166 26.01 -10.49 -15.67
N ARG B 167 26.78 -10.70 -16.75
CA ARG B 167 28.01 -11.50 -16.67
C ARG B 167 29.01 -10.92 -15.69
N ASN B 168 29.03 -9.60 -15.54
CA ASN B 168 30.02 -8.94 -14.69
C ASN B 168 29.50 -8.66 -13.28
N GLU B 169 28.32 -9.18 -12.93
CA GLU B 169 27.71 -8.95 -11.63
C GLU B 169 27.72 -7.46 -11.28
N ARG B 170 27.20 -6.66 -12.20
CA ARG B 170 27.00 -5.24 -11.98
C ARG B 170 25.61 -4.93 -11.44
N GLY B 171 24.74 -5.93 -11.34
CA GLY B 171 23.38 -5.69 -10.93
C GLY B 171 22.54 -4.94 -11.93
N ARG B 172 22.87 -5.06 -13.22
CA ARG B 172 22.00 -4.52 -14.28
C ARG B 172 21.98 -5.51 -15.44
N ILE B 173 20.82 -5.57 -16.10
CA ILE B 173 20.58 -6.49 -17.20
C ILE B 173 21.07 -5.88 -18.50
N THR B 174 21.91 -6.61 -19.23
CA THR B 174 22.32 -6.20 -20.57
C THR B 174 21.30 -6.67 -21.62
N LEU B 175 20.94 -5.78 -22.55
CA LEU B 175 20.08 -6.10 -23.68
C LEU B 175 20.86 -6.00 -24.98
N TYR B 176 20.47 -6.84 -25.93
CA TYR B 176 21.05 -6.80 -27.27
C TYR B 176 20.06 -6.29 -28.31
N HIS B 177 18.87 -5.87 -27.89
CA HIS B 177 17.87 -5.34 -28.82
C HIS B 177 16.95 -4.43 -28.04
N GLY B 178 16.59 -3.29 -28.65
CA GLY B 178 15.61 -2.42 -28.03
C GLY B 178 14.28 -3.09 -27.75
N TRP B 179 13.90 -4.07 -28.59
CA TRP B 179 12.65 -4.80 -28.34
C TRP B 179 12.64 -5.49 -26.98
N GLU B 180 13.83 -5.86 -26.47
CA GLU B 180 13.92 -6.51 -25.16
C GLU B 180 13.54 -5.59 -24.02
N SER B 181 13.66 -4.29 -24.23
CA SER B 181 13.27 -3.32 -23.21
C SER B 181 11.76 -3.15 -23.13
N GLY B 182 11.02 -3.70 -24.11
CA GLY B 182 9.61 -3.39 -24.26
C GLY B 182 9.33 -2.14 -25.05
N MET B 183 10.33 -1.24 -25.19
CA MET B 183 10.15 0.13 -25.68
C MET B 183 11.18 0.40 -26.79
N ALA B 184 10.99 -0.22 -27.95
CA ALA B 184 12.07 -0.25 -28.92
C ALA B 184 12.42 1.13 -29.48
N ASN B 185 11.46 2.04 -29.58
CA ASN B 185 11.74 3.38 -30.11
C ASN B 185 11.83 4.44 -29.02
N SER B 186 12.00 4.01 -27.77
CA SER B 186 12.20 4.98 -26.70
C SER B 186 13.40 5.88 -27.01
N PRO B 187 13.30 7.20 -26.72
CA PRO B 187 14.49 8.07 -26.81
C PRO B 187 15.69 7.54 -26.03
N ARG B 188 15.45 6.69 -25.03
CA ARG B 188 16.53 6.06 -24.27
C ARG B 188 17.61 5.46 -25.18
N TRP B 189 17.21 4.84 -26.29
CA TRP B 189 18.12 4.05 -27.12
C TRP B 189 18.68 4.80 -28.32
N ASP B 190 18.30 6.08 -28.51
CA ASP B 190 18.64 6.75 -29.76
C ASP B 190 20.14 6.80 -30.01
N SER B 191 20.95 7.11 -28.97
CA SER B 191 22.38 7.25 -29.24
C SER B 191 23.06 5.89 -29.45
N ALA B 192 22.53 4.82 -28.85
CA ALA B 192 23.06 3.49 -29.14
C ALA B 192 22.70 3.06 -30.56
N TYR B 193 21.46 3.28 -30.96
CA TYR B 193 21.05 2.96 -32.33
C TYR B 193 21.86 3.73 -33.35
N ALA B 194 22.28 4.97 -33.02
CA ALA B 194 23.02 5.77 -33.98
C ALA B 194 24.35 5.13 -34.36
N ASN B 195 24.85 4.19 -33.56
CA ASN B 195 26.08 3.47 -33.87
C ASN B 195 25.80 2.09 -34.46
N VAL B 196 24.55 1.80 -34.79
CA VAL B 196 24.18 0.56 -35.48
C VAL B 196 24.18 0.85 -36.97
N VAL B 197 25.18 0.34 -37.68
CA VAL B 197 25.36 0.59 -39.10
C VAL B 197 25.01 -0.68 -39.86
N PRO B 198 23.84 -0.76 -40.50
CA PRO B 198 23.45 -1.99 -41.18
C PRO B 198 24.36 -2.30 -42.34
N GLY B 199 24.61 -3.59 -42.54
CA GLY B 199 25.29 -4.07 -43.73
C GLY B 199 24.27 -4.49 -44.77
N LYS B 200 24.53 -5.60 -45.45
CA LYS B 200 23.60 -6.10 -46.46
C LYS B 200 22.39 -6.72 -45.74
N LEU B 201 21.32 -5.96 -45.67
CA LEU B 201 20.12 -6.36 -44.95
C LEU B 201 19.14 -6.97 -45.93
N PRO B 202 18.73 -8.22 -45.75
CA PRO B 202 17.78 -8.84 -46.68
C PRO B 202 16.46 -8.08 -46.72
N GLU B 203 15.87 -8.03 -47.91
CA GLU B 203 14.65 -7.27 -48.12
C GLU B 203 13.52 -7.75 -47.21
N TYR B 204 12.64 -6.83 -46.86
CA TYR B 204 11.52 -7.16 -46.00
C TYR B 204 10.39 -6.16 -46.23
N GLN B 205 9.19 -6.57 -45.82
CA GLN B 205 8.01 -5.73 -45.91
C GLN B 205 7.38 -5.67 -44.53
N ARG B 206 7.23 -4.46 -43.99
CA ARG B 206 6.62 -4.30 -42.67
C ARG B 206 5.15 -4.71 -42.73
N ALA B 207 4.68 -5.29 -41.62
CA ALA B 207 3.27 -5.58 -41.41
C ALA B 207 2.61 -4.66 -40.41
N ASP B 208 3.38 -4.07 -39.49
CA ASP B 208 2.80 -3.29 -38.41
C ASP B 208 2.12 -2.02 -38.94
N ASN B 209 2.70 -1.38 -39.95
CA ASN B 209 2.12 -0.15 -40.46
C ASN B 209 1.16 -0.40 -41.61
N VAL B 210 0.84 -1.66 -41.90
CA VAL B 210 -0.34 -1.99 -42.69
C VAL B 210 -1.56 -2.00 -41.77
N ILE B 211 -1.39 -2.46 -40.55
N ILE B 211 -1.38 -2.50 -40.56
CA ILE B 211 -2.48 -2.53 -39.59
CA ILE B 211 -2.44 -2.54 -39.57
C ILE B 211 -2.68 -1.20 -38.87
C ILE B 211 -2.66 -1.15 -38.99
N ILE B 212 -1.59 -0.51 -38.51
CA ILE B 212 -1.65 0.87 -38.01
C ILE B 212 -1.14 1.75 -39.14
N THR B 213 -2.07 2.36 -39.88
CA THR B 213 -1.65 3.05 -41.10
C THR B 213 -1.18 4.47 -40.83
N ASP B 214 -1.61 5.09 -39.74
CA ASP B 214 -1.16 6.43 -39.38
C ASP B 214 0.34 6.38 -39.11
N PRO B 215 1.17 6.95 -40.00
CA PRO B 215 2.63 6.84 -39.79
C PRO B 215 3.11 7.48 -38.49
N SER B 216 2.37 8.44 -37.95
CA SER B 216 2.79 9.12 -36.73
C SER B 216 2.72 8.23 -35.49
N GLN B 217 2.07 7.06 -35.57
CA GLN B 217 1.88 6.20 -34.39
C GLN B 217 2.90 5.08 -34.27
N ARG B 218 3.80 4.91 -35.24
CA ARG B 218 4.69 3.76 -35.31
C ARG B 218 6.09 4.23 -35.69
N PRO B 219 7.12 3.42 -35.42
CA PRO B 219 8.49 3.82 -35.79
C PRO B 219 8.65 4.01 -37.29
N SER B 220 9.78 4.59 -37.67
CA SER B 220 10.08 4.86 -39.08
C SER B 220 10.75 3.66 -39.74
N ASP B 221 10.79 3.68 -41.07
CA ASP B 221 11.49 2.64 -41.83
C ASP B 221 12.96 2.59 -41.43
N GLY B 222 13.61 3.74 -41.32
CA GLY B 222 14.99 3.77 -40.87
C GLY B 222 15.19 3.05 -39.54
N GLU B 223 14.26 3.24 -38.60
CA GLU B 223 14.35 2.55 -37.32
C GLU B 223 14.17 1.03 -37.49
N TYR B 224 13.22 0.60 -38.31
CA TYR B 224 13.05 -0.83 -38.54
C TYR B 224 14.27 -1.45 -39.22
N ASP B 225 14.94 -0.72 -40.11
CA ASP B 225 16.17 -1.26 -40.70
C ASP B 225 17.18 -1.62 -39.61
N ARG B 226 17.30 -0.78 -38.59
CA ARG B 226 18.23 -1.07 -37.51
C ARG B 226 17.72 -2.22 -36.65
N TYR B 227 16.42 -2.26 -36.36
CA TYR B 227 15.86 -3.38 -35.60
C TYR B 227 16.12 -4.70 -36.32
N LEU B 228 15.99 -4.70 -37.65
CA LEU B 228 16.14 -5.94 -38.38
C LEU B 228 17.60 -6.31 -38.58
N TRP B 229 18.47 -5.31 -38.68
CA TRP B 229 19.90 -5.59 -38.79
C TRP B 229 20.42 -6.28 -37.53
N LEU B 230 19.93 -5.87 -36.35
CA LEU B 230 20.35 -6.55 -35.13
C LEU B 230 19.96 -8.04 -35.16
N LEU B 231 18.82 -8.37 -35.78
CA LEU B 231 18.46 -9.78 -35.96
C LEU B 231 19.49 -10.51 -36.81
N GLU B 232 20.01 -9.84 -37.84
CA GLU B 232 21.01 -10.48 -38.68
C GLU B 232 22.28 -10.77 -37.89
N GLU B 233 22.69 -9.86 -37.00
CA GLU B 233 23.88 -10.09 -36.18
C GLU B 233 23.68 -11.28 -35.23
N MET B 234 22.51 -11.39 -34.62
N MET B 234 22.51 -11.38 -34.60
CA MET B 234 22.22 -12.52 -33.74
CA MET B 234 22.23 -12.52 -33.75
C MET B 234 22.16 -13.82 -34.51
C MET B 234 22.21 -13.82 -34.55
N LYS B 235 21.52 -13.81 -35.70
CA LYS B 235 21.41 -15.02 -36.49
C LYS B 235 22.78 -15.53 -36.93
N ALA B 236 23.71 -14.60 -37.21
CA ALA B 236 25.02 -15.00 -37.71
C ALA B 236 25.80 -15.81 -36.69
N VAL B 237 25.45 -15.75 -35.41
CA VAL B 237 26.10 -16.53 -34.37
C VAL B 237 25.13 -17.50 -33.71
N ARG B 238 24.05 -17.85 -34.43
CA ARG B 238 23.11 -18.89 -33.99
C ARG B 238 22.55 -18.60 -32.61
N TYR B 239 22.40 -17.31 -32.28
CA TYR B 239 21.81 -16.88 -31.01
C TYR B 239 22.55 -17.43 -29.79
N ASP B 240 23.86 -17.63 -29.92
CA ASP B 240 24.69 -18.19 -28.85
C ASP B 240 25.01 -17.12 -27.81
N ASP B 241 24.58 -17.35 -26.56
CA ASP B 241 24.87 -16.43 -25.45
C ASP B 241 26.34 -16.06 -25.37
N GLU B 242 27.23 -17.02 -25.61
CA GLU B 242 28.66 -16.82 -25.46
C GLU B 242 29.25 -15.95 -26.57
N ARG B 243 28.59 -15.88 -27.72
CA ARG B 243 29.15 -15.12 -28.82
C ARG B 243 28.55 -13.74 -28.97
N LEU B 244 27.33 -13.52 -28.45
CA LEU B 244 26.65 -12.23 -28.63
C LEU B 244 27.48 -11.03 -28.20
N PRO B 245 28.18 -11.03 -27.07
CA PRO B 245 28.94 -9.82 -26.70
C PRO B 245 30.01 -9.46 -27.71
N SER B 246 30.51 -10.43 -28.47
CA SER B 246 31.55 -10.16 -29.46
C SER B 246 31.03 -9.51 -30.73
N VAL B 247 29.73 -9.64 -31.02
CA VAL B 247 29.25 -9.33 -32.36
C VAL B 247 28.13 -8.28 -32.36
N MET B 248 27.39 -8.15 -31.25
CA MET B 248 26.20 -7.30 -31.29
C MET B 248 26.60 -5.82 -31.33
N SER B 249 26.02 -5.08 -32.28
CA SER B 249 26.27 -3.65 -32.41
C SER B 249 25.46 -2.82 -31.42
N PHE B 250 24.59 -3.44 -30.63
CA PHE B 250 23.72 -2.78 -29.68
C PHE B 250 23.86 -3.54 -28.36
N GLN B 251 24.41 -2.90 -27.33
CA GLN B 251 24.58 -3.54 -26.02
C GLN B 251 24.36 -2.49 -24.95
N VAL B 252 23.22 -2.56 -24.27
CA VAL B 252 22.84 -1.51 -23.31
C VAL B 252 22.43 -2.18 -22.00
N GLU B 253 22.70 -1.49 -20.89
CA GLU B 253 22.16 -1.90 -19.61
C GLU B 253 20.86 -1.15 -19.38
N ASP B 254 19.76 -1.88 -19.21
CA ASP B 254 18.43 -1.32 -19.13
C ASP B 254 18.04 -1.23 -17.66
N VAL B 255 18.00 0.00 -17.13
CA VAL B 255 17.78 0.19 -15.69
C VAL B 255 16.33 -0.09 -15.30
N PHE B 256 15.38 0.09 -16.22
CA PHE B 256 13.97 -0.16 -15.91
C PHE B 256 13.70 -1.67 -15.84
N PHE B 257 14.21 -2.42 -16.83
CA PHE B 257 14.23 -3.88 -16.80
C PHE B 257 14.93 -4.39 -15.53
N SER B 258 16.07 -3.78 -15.16
CA SER B 258 16.80 -4.19 -13.97
C SER B 258 15.97 -3.98 -12.70
N ALA B 259 15.25 -2.86 -12.61
CA ALA B 259 14.43 -2.62 -11.42
C ALA B 259 13.27 -3.61 -11.35
N ILE B 260 12.63 -3.88 -12.50
CA ILE B 260 11.60 -4.90 -12.56
C ILE B 260 12.14 -6.24 -12.07
N PHE B 261 13.35 -6.59 -12.50
CA PHE B 261 13.94 -7.87 -12.10
C PHE B 261 14.17 -7.92 -10.59
N SER B 262 14.67 -6.82 -10.02
CA SER B 262 14.83 -6.74 -8.57
C SER B 262 13.51 -7.00 -7.85
N VAL B 263 12.45 -6.31 -8.28
CA VAL B 263 11.13 -6.52 -7.68
C VAL B 263 10.70 -7.97 -7.86
N ALA B 264 10.83 -8.49 -9.08
CA ALA B 264 10.38 -9.86 -9.35
C ALA B 264 11.12 -10.87 -8.49
N CYS B 265 12.42 -10.65 -8.25
CA CYS B 265 13.18 -11.59 -7.41
C CYS B 265 12.68 -11.56 -5.98
N GLN B 266 12.44 -10.36 -5.45
CA GLN B 266 11.92 -10.25 -4.09
C GLN B 266 10.54 -10.88 -3.99
N VAL B 267 9.71 -10.65 -4.99
CA VAL B 267 8.37 -11.25 -5.00
C VAL B 267 8.48 -12.78 -5.04
N LEU B 268 9.29 -13.29 -5.96
CA LEU B 268 9.40 -14.74 -6.06
C LEU B 268 10.03 -15.33 -4.79
N ALA B 269 10.96 -14.61 -4.15
CA ALA B 269 11.52 -15.11 -2.89
C ALA B 269 10.44 -15.25 -1.82
N GLU B 270 9.56 -14.24 -1.69
CA GLU B 270 8.49 -14.32 -0.69
C GLU B 270 7.52 -15.47 -1.00
N ILE B 271 7.20 -15.66 -2.28
CA ILE B 271 6.43 -16.84 -2.68
C ILE B 271 7.15 -18.11 -2.25
N GLY B 272 8.48 -18.16 -2.47
CA GLY B 272 9.23 -19.35 -2.11
C GLY B 272 9.21 -19.62 -0.62
N GLU B 273 9.30 -18.55 0.19
CA GLU B 273 9.20 -18.75 1.64
C GLU B 273 7.82 -19.26 2.03
N ASP B 274 6.77 -18.67 1.46
CA ASP B 274 5.41 -19.02 1.83
C ASP B 274 5.05 -20.43 1.41
N TYR B 275 5.63 -20.93 0.30
CA TYR B 275 5.27 -22.24 -0.20
C TYR B 275 6.41 -23.25 -0.04
N LYS B 276 7.32 -22.97 0.90
CA LYS B 276 8.35 -23.93 1.32
C LYS B 276 9.16 -24.47 0.15
N ARG B 277 9.55 -23.57 -0.76
N ARG B 277 9.55 -23.57 -0.75
CA ARG B 277 10.44 -23.94 -1.85
CA ARG B 277 10.46 -23.91 -1.85
C ARG B 277 11.87 -24.04 -1.33
C ARG B 277 11.87 -24.09 -1.30
N PRO B 278 12.79 -24.62 -2.10
CA PRO B 278 14.16 -24.89 -1.58
C PRO B 278 14.87 -23.64 -1.06
N HIS B 279 15.55 -23.81 0.09
CA HIS B 279 16.15 -22.66 0.78
C HIS B 279 17.20 -21.98 -0.10
N ALA B 280 17.97 -22.77 -0.84
CA ALA B 280 18.99 -22.21 -1.72
C ALA B 280 18.39 -21.34 -2.81
N ASP B 281 17.20 -21.71 -3.30
CA ASP B 281 16.54 -20.87 -4.30
C ASP B 281 16.12 -19.53 -3.69
N VAL B 282 15.46 -19.59 -2.53
CA VAL B 282 15.01 -18.38 -1.85
C VAL B 282 16.21 -17.47 -1.56
N LYS B 283 17.32 -18.06 -1.11
CA LYS B 283 18.50 -17.28 -0.80
C LYS B 283 19.07 -16.62 -2.06
N ASP B 284 19.14 -17.37 -3.17
CA ASP B 284 19.60 -16.77 -4.42
C ASP B 284 18.69 -15.63 -4.86
N LEU B 285 17.38 -15.81 -4.73
CA LEU B 285 16.42 -14.80 -5.15
C LEU B 285 16.59 -13.50 -4.36
N TYR B 286 16.76 -13.61 -3.04
CA TYR B 286 16.99 -12.42 -2.24
C TYR B 286 18.33 -11.76 -2.58
N LEU B 287 19.36 -12.57 -2.86
CA LEU B 287 20.66 -12.05 -3.27
C LEU B 287 20.54 -11.24 -4.56
N TRP B 288 19.83 -11.79 -5.56
CA TRP B 288 19.64 -11.07 -6.82
C TRP B 288 18.79 -9.83 -6.64
N ALA B 289 17.72 -9.91 -5.82
CA ALA B 289 16.91 -8.72 -5.55
C ALA B 289 17.77 -7.59 -5.00
N GLU B 290 18.65 -7.90 -4.05
CA GLU B 290 19.51 -6.88 -3.49
C GLU B 290 20.53 -6.39 -4.52
N ARG B 291 21.12 -7.31 -5.28
CA ARG B 291 22.13 -6.93 -6.27
C ARG B 291 21.57 -5.99 -7.33
N PHE B 292 20.37 -6.27 -7.83
CA PHE B 292 19.83 -5.43 -8.87
C PHE B 292 19.23 -4.14 -8.32
N ARG B 293 18.67 -4.18 -7.11
CA ARG B 293 18.36 -2.94 -6.42
C ARG B 293 19.59 -2.01 -6.36
N ALA B 294 20.73 -2.55 -5.91
CA ALA B 294 21.94 -1.74 -5.85
C ALA B 294 22.39 -1.29 -7.23
N GLY B 295 22.28 -2.18 -8.23
CA GLY B 295 22.69 -1.80 -9.58
C GLY B 295 21.86 -0.65 -10.14
N VAL B 296 20.57 -0.65 -9.83
CA VAL B 296 19.70 0.45 -10.24
C VAL B 296 20.10 1.75 -9.53
N VAL B 297 20.27 1.70 -8.21
CA VAL B 297 20.66 2.91 -7.48
C VAL B 297 21.98 3.47 -8.01
N GLU B 298 22.90 2.59 -8.43
CA GLU B 298 24.20 3.10 -8.88
C GLU B 298 24.06 4.02 -10.09
N THR B 299 22.97 3.90 -10.85
CA THR B 299 22.80 4.68 -12.06
C THR B 299 22.27 6.08 -11.79
N THR B 300 21.89 6.40 -10.57
CA THR B 300 20.99 7.53 -10.38
C THR B 300 21.75 8.84 -10.19
N ASP B 301 21.13 9.90 -10.70
CA ASP B 301 21.64 11.24 -10.45
C ASP B 301 21.62 11.53 -8.96
N GLN B 302 22.73 12.06 -8.43
CA GLN B 302 22.80 12.26 -6.98
C GLN B 302 21.90 13.39 -6.49
N ARG B 303 21.44 14.28 -7.37
CA ARG B 303 20.51 15.34 -6.98
C ARG B 303 19.06 14.86 -7.08
N THR B 304 18.67 14.36 -8.24
CA THR B 304 17.27 14.11 -8.57
C THR B 304 16.84 12.67 -8.39
N GLY B 305 17.77 11.73 -8.23
CA GLY B 305 17.43 10.33 -8.18
C GLY B 305 17.14 9.69 -9.53
N ALA B 306 17.11 10.45 -10.62
CA ALA B 306 16.73 9.89 -11.92
C ALA B 306 17.72 8.80 -12.37
N ALA B 307 17.18 7.65 -12.79
CA ALA B 307 17.98 6.50 -13.18
C ALA B 307 18.38 6.62 -14.64
N ARG B 308 19.65 6.35 -14.93
CA ARG B 308 20.18 6.38 -16.29
C ARG B 308 20.39 4.97 -16.81
N ASP B 309 20.15 4.76 -18.11
CA ASP B 309 20.63 3.55 -18.76
C ASP B 309 22.12 3.69 -19.10
N PHE B 310 22.73 2.59 -19.55
CA PHE B 310 24.16 2.60 -19.80
C PHE B 310 24.45 1.93 -21.14
N ASP B 311 25.22 2.61 -21.99
CA ASP B 311 25.62 2.07 -23.29
C ASP B 311 26.94 1.33 -23.06
N VAL B 312 26.89 0.00 -23.09
CA VAL B 312 28.06 -0.81 -22.78
C VAL B 312 29.13 -0.62 -23.84
N LEU B 313 28.73 -0.42 -25.10
CA LEU B 313 29.74 -0.31 -26.16
C LEU B 313 30.42 1.06 -26.12
N ALA B 314 29.63 2.12 -25.94
CA ALA B 314 30.21 3.46 -25.84
C ALA B 314 30.80 3.74 -24.47
N GLU B 315 30.46 2.91 -23.47
CA GLU B 315 30.86 3.12 -22.08
C GLU B 315 30.41 4.50 -21.58
N LYS B 316 29.10 4.73 -21.65
CA LYS B 316 28.53 6.05 -21.53
C LYS B 316 27.15 5.96 -20.89
N TRP B 317 26.91 6.78 -19.86
CA TRP B 317 25.56 6.88 -19.30
C TRP B 317 24.62 7.51 -20.32
N LEU B 318 23.44 6.94 -20.46
CA LEU B 318 22.42 7.43 -21.39
C LEU B 318 21.45 8.28 -20.59
N VAL B 319 21.49 9.58 -20.81
CA VAL B 319 20.72 10.56 -20.04
C VAL B 319 19.53 11.01 -20.89
N THR B 320 18.33 10.56 -20.55
CA THR B 320 17.13 10.90 -21.31
C THR B 320 16.01 11.20 -20.33
N GLU B 321 14.90 11.73 -20.84
CA GLU B 321 13.78 12.15 -19.99
C GLU B 321 12.55 11.29 -20.32
N THR B 322 12.59 10.03 -19.88
CA THR B 322 11.48 9.10 -20.12
C THR B 322 11.02 8.53 -18.79
N ALA B 323 9.96 7.71 -18.87
CA ALA B 323 9.42 7.10 -17.66
C ALA B 323 10.40 6.13 -17.01
N ALA B 324 11.42 5.67 -17.76
CA ALA B 324 12.43 4.75 -17.22
C ALA B 324 13.26 5.38 -16.10
N GLN B 325 13.38 6.71 -16.09
CA GLN B 325 14.07 7.40 -15.00
C GLN B 325 13.53 7.04 -13.64
N PHE B 326 12.25 6.65 -13.57
CA PHE B 326 11.59 6.34 -12.33
C PHE B 326 11.80 4.90 -11.87
N ALA B 327 12.69 4.16 -12.56
CA ALA B 327 13.01 2.78 -12.18
C ALA B 327 13.27 2.61 -10.68
N PRO B 328 14.01 3.52 -9.99
CA PRO B 328 14.30 3.28 -8.56
C PRO B 328 13.06 3.29 -7.68
N LEU B 329 11.99 3.97 -8.10
CA LEU B 329 10.75 3.97 -7.34
C LEU B 329 10.14 2.57 -7.26
N LEU B 330 10.34 1.75 -8.30
CA LEU B 330 9.77 0.41 -8.31
C LEU B 330 10.45 -0.49 -7.28
N CYS B 331 11.77 -0.48 -7.22
CA CYS B 331 12.52 -1.46 -6.44
C CYS B 331 13.00 -0.98 -5.08
N GLY B 332 12.93 0.34 -4.79
CA GLY B 332 13.50 0.85 -3.55
C GLY B 332 15.02 1.01 -3.62
N GLY B 333 15.61 1.39 -2.49
CA GLY B 333 17.05 1.47 -2.35
C GLY B 333 17.63 2.87 -2.34
N LEU B 334 16.92 3.88 -2.84
CA LEU B 334 17.48 5.23 -2.86
C LEU B 334 17.57 5.79 -1.43
N PRO B 335 18.59 6.61 -1.15
CA PRO B 335 18.58 7.40 0.07
C PRO B 335 17.33 8.27 0.11
N HIS B 336 16.92 8.59 1.33
CA HIS B 336 15.67 9.33 1.57
C HIS B 336 15.59 10.60 0.73
N ASP B 337 16.60 11.48 0.82
CA ASP B 337 16.53 12.75 0.11
C ASP B 337 16.41 12.56 -1.39
N ARG B 338 17.12 11.56 -1.92
CA ARG B 338 17.13 11.36 -3.36
C ARG B 338 15.80 10.83 -3.85
N GLU B 339 15.13 10.01 -3.03
CA GLU B 339 13.83 9.51 -3.44
C GLU B 339 12.76 10.60 -3.41
N ARG B 340 12.83 11.48 -2.40
CA ARG B 340 11.92 12.63 -2.39
C ARG B 340 12.11 13.47 -3.65
N ALA B 341 13.37 13.68 -4.05
CA ALA B 341 13.64 14.47 -5.24
C ALA B 341 13.07 13.78 -6.48
N LEU B 342 13.15 12.45 -6.52
CA LEU B 342 12.66 11.74 -7.68
C LEU B 342 11.14 11.75 -7.73
N LEU B 343 10.51 11.65 -6.56
CA LEU B 343 9.06 11.78 -6.52
C LEU B 343 8.61 13.18 -6.95
N LYS B 344 9.38 14.19 -6.64
CA LYS B 344 9.05 15.55 -7.04
C LYS B 344 9.13 15.68 -8.57
N LEU B 345 10.12 15.04 -9.18
CA LEU B 345 10.20 15.00 -10.64
C LEU B 345 8.98 14.29 -11.24
N LEU B 346 8.60 13.15 -10.65
CA LEU B 346 7.45 12.40 -11.15
C LEU B 346 6.16 13.20 -11.10
N GLU B 347 5.93 13.91 -10.01
CA GLU B 347 4.66 14.58 -9.82
C GLU B 347 4.64 15.96 -10.43
N GLY B 348 5.80 16.46 -10.85
CA GLY B 348 5.94 17.83 -11.24
C GLY B 348 5.59 18.05 -12.70
N PRO B 349 5.90 19.25 -13.21
CA PRO B 349 5.42 19.65 -14.54
C PRO B 349 6.08 18.93 -15.69
N ARG B 350 7.12 18.11 -15.46
CA ARG B 350 7.73 17.34 -16.54
C ARG B 350 7.03 16.01 -16.76
N PHE B 351 6.21 15.58 -15.81
CA PHE B 351 5.51 14.32 -15.96
C PHE B 351 4.06 14.48 -15.51
N CYS B 352 3.66 13.84 -14.40
CA CYS B 352 2.24 13.78 -14.08
C CYS B 352 1.61 15.14 -13.88
N GLY B 353 2.42 16.15 -13.55
CA GLY B 353 1.92 17.48 -13.30
C GLY B 353 1.86 18.39 -14.51
N HIS B 354 2.17 17.89 -15.71
CA HIS B 354 2.22 18.77 -16.87
C HIS B 354 0.84 19.38 -17.12
N PRO B 355 0.73 20.70 -17.30
CA PRO B 355 -0.60 21.34 -17.28
C PRO B 355 -1.51 20.95 -18.43
N ASP B 356 -0.98 20.37 -19.51
CA ASP B 356 -1.83 20.06 -20.67
C ASP B 356 -2.30 18.62 -20.69
N LEU B 357 -1.90 17.79 -19.73
CA LEU B 357 -2.30 16.38 -19.75
C LEU B 357 -3.79 16.26 -19.47
N LYS B 358 -4.47 15.37 -20.20
CA LYS B 358 -5.87 15.14 -19.90
C LYS B 358 -6.06 14.40 -18.58
N TYR B 359 -5.14 13.48 -18.27
CA TYR B 359 -5.22 12.65 -17.08
C TYR B 359 -3.91 12.75 -16.31
N GLY B 360 -4.01 12.66 -14.99
CA GLY B 360 -2.83 12.66 -14.13
C GLY B 360 -2.08 11.35 -14.21
N LEU B 361 -1.39 11.11 -15.33
CA LEU B 361 -0.75 9.82 -15.63
C LEU B 361 0.68 10.06 -16.11
N ILE B 362 1.45 8.99 -16.22
CA ILE B 362 2.89 9.08 -16.50
C ILE B 362 3.08 8.89 -18.01
N PRO B 363 3.43 9.92 -18.76
CA PRO B 363 3.71 9.70 -20.19
C PRO B 363 5.02 8.94 -20.38
N SER B 364 5.12 8.24 -21.51
CA SER B 364 6.29 7.40 -21.73
C SER B 364 7.54 8.24 -21.93
N THR B 365 7.41 9.44 -22.51
CA THR B 365 8.48 10.41 -22.57
C THR B 365 7.96 11.72 -22.00
N SER B 366 8.82 12.48 -21.32
CA SER B 366 8.39 13.76 -20.78
C SER B 366 7.85 14.68 -21.88
N PRO B 367 6.67 15.27 -21.68
CA PRO B 367 6.17 16.24 -22.67
C PRO B 367 7.08 17.43 -22.91
N VAL B 368 8.00 17.74 -21.99
CA VAL B 368 8.90 18.87 -22.22
C VAL B 368 10.19 18.45 -22.88
N SER B 369 10.43 17.15 -23.07
CA SER B 369 11.63 16.70 -23.73
C SER B 369 11.60 17.06 -25.21
N ARG B 370 12.77 17.43 -25.75
CA ARG B 370 12.85 17.66 -27.19
C ARG B 370 12.51 16.41 -27.99
N ASP B 371 12.64 15.22 -27.41
CA ASP B 371 12.35 13.98 -28.11
C ASP B 371 10.88 13.59 -28.03
N PHE B 372 10.06 14.37 -27.33
CA PHE B 372 8.67 14.00 -27.11
C PHE B 372 7.90 14.06 -28.42
N ARG B 373 7.10 13.03 -28.68
CA ARG B 373 6.17 12.94 -29.80
C ARG B 373 4.88 12.37 -29.26
N PRO B 374 3.78 13.14 -29.22
CA PRO B 374 2.60 12.70 -28.46
C PRO B 374 1.90 11.47 -29.01
N ARG B 375 2.17 11.06 -30.26
CA ARG B 375 1.47 9.94 -30.86
C ARG B 375 2.33 8.69 -31.07
N GLU B 376 3.64 8.78 -30.87
CA GLU B 376 4.59 7.89 -31.54
C GLU B 376 5.08 6.77 -30.61
N TYR B 377 4.17 5.84 -30.28
CA TYR B 377 4.58 4.56 -29.70
C TYR B 377 5.21 4.84 -28.34
N TRP B 378 6.50 4.59 -28.10
CA TRP B 378 7.05 4.84 -26.76
C TRP B 378 7.74 6.21 -26.64
N ARG B 379 7.54 7.13 -27.59
CA ARG B 379 8.18 8.45 -27.52
C ARG B 379 7.29 9.52 -26.88
N GLY B 380 6.26 9.14 -26.12
CA GLY B 380 5.40 10.14 -25.53
C GLY B 380 4.05 9.68 -25.03
N PRO B 381 3.35 8.81 -25.76
CA PRO B 381 2.00 8.40 -25.31
C PRO B 381 1.97 7.83 -23.90
N VAL B 382 0.76 7.83 -23.34
CA VAL B 382 0.50 7.22 -22.04
C VAL B 382 0.07 5.78 -22.26
N TRP B 383 0.79 4.85 -21.61
CA TRP B 383 0.56 3.42 -21.78
C TRP B 383 -0.17 2.87 -20.55
N PRO B 384 -1.39 2.37 -20.71
CA PRO B 384 -2.08 1.78 -19.54
C PRO B 384 -1.29 0.70 -18.84
N VAL B 385 -0.48 -0.08 -19.56
CA VAL B 385 0.29 -1.13 -18.91
C VAL B 385 1.32 -0.53 -17.94
N LEU B 386 1.92 0.61 -18.31
CA LEU B 386 2.85 1.27 -17.39
C LEU B 386 2.11 1.87 -16.21
N THR B 387 0.95 2.47 -16.45
CA THR B 387 0.14 2.96 -15.33
C THR B 387 -0.09 1.83 -14.33
N TRP B 388 -0.44 0.65 -14.83
CA TRP B 388 -0.73 -0.46 -13.93
C TRP B 388 0.53 -0.86 -13.17
N LEU B 389 1.66 -1.00 -13.88
CA LEU B 389 2.87 -1.47 -13.23
C LEU B 389 3.34 -0.47 -12.18
N PHE B 390 3.28 0.82 -12.51
CA PHE B 390 3.68 1.83 -11.52
C PHE B 390 2.75 1.82 -10.33
N SER B 391 1.43 1.75 -10.57
N SER B 391 1.43 1.73 -10.58
CA SER B 391 0.50 1.77 -9.45
CA SER B 391 0.47 1.75 -9.48
C SER B 391 0.69 0.56 -8.54
C SER B 391 0.66 0.55 -8.55
N TRP B 392 0.89 -0.63 -9.12
CA TRP B 392 1.07 -1.82 -8.28
C TRP B 392 2.36 -1.72 -7.46
N CYS B 393 3.46 -1.31 -8.10
CA CYS B 393 4.72 -1.17 -7.37
C CYS B 393 4.63 -0.07 -6.33
N PHE B 394 3.93 1.04 -6.65
CA PHE B 394 3.80 2.12 -5.67
C PHE B 394 3.03 1.64 -4.44
N ALA B 395 1.94 0.88 -4.64
CA ALA B 395 1.21 0.35 -3.48
C ALA B 395 2.12 -0.57 -2.67
N ARG B 396 3.00 -1.31 -3.33
N ARG B 396 3.00 -1.31 -3.32
CA ARG B 396 3.91 -2.22 -2.64
CA ARG B 396 3.91 -2.22 -2.61
C ARG B 396 4.98 -1.46 -1.85
C ARG B 396 4.97 -1.45 -1.84
N ARG B 397 5.32 -0.24 -2.28
CA ARG B 397 6.17 0.65 -1.48
C ARG B 397 5.46 1.21 -0.26
N GLY B 398 4.13 1.08 -0.16
CA GLY B 398 3.39 1.73 0.90
C GLY B 398 2.77 3.06 0.51
N TRP B 399 2.88 3.44 -0.77
CA TRP B 399 2.39 4.75 -1.21
C TRP B 399 0.95 4.59 -1.68
N ALA B 400 0.07 4.40 -0.70
CA ALA B 400 -1.29 3.96 -1.03
C ALA B 400 -2.04 5.02 -1.84
N GLU B 401 -1.94 6.28 -1.41
CA GLU B 401 -2.67 7.33 -2.13
C GLU B 401 -2.10 7.56 -3.52
N ARG B 402 -0.77 7.56 -3.66
CA ARG B 402 -0.17 7.71 -4.98
C ARG B 402 -0.63 6.58 -5.91
N ALA B 403 -0.67 5.36 -5.40
CA ALA B 403 -1.12 4.23 -6.21
C ALA B 403 -2.59 4.40 -6.58
N ARG B 404 -3.41 4.83 -5.63
CA ARG B 404 -4.83 4.98 -5.88
C ARG B 404 -5.10 6.04 -6.95
N LEU B 405 -4.32 7.12 -6.96
CA LEU B 405 -4.55 8.19 -7.92
C LEU B 405 -4.23 7.72 -9.35
N LEU B 406 -3.14 6.95 -9.50
CA LEU B 406 -2.83 6.36 -10.80
C LEU B 406 -3.94 5.41 -11.26
N ARG B 407 -4.45 4.58 -10.35
N ARG B 407 -4.44 4.58 -10.34
CA ARG B 407 -5.53 3.67 -10.73
CA ARG B 407 -5.53 3.66 -10.67
C ARG B 407 -6.79 4.45 -11.12
C ARG B 407 -6.78 4.43 -11.10
N GLN B 408 -7.12 5.48 -10.34
CA GLN B 408 -8.32 6.24 -10.65
C GLN B 408 -8.21 6.90 -12.02
N GLU B 409 -7.05 7.52 -12.31
CA GLU B 409 -6.88 8.21 -13.60
C GLU B 409 -6.80 7.19 -14.72
N GLY B 410 -6.19 6.04 -14.47
CA GLY B 410 -6.11 5.02 -15.51
C GLY B 410 -7.48 4.46 -15.86
N LEU B 411 -8.35 4.29 -14.84
CA LEU B 411 -9.72 3.85 -15.11
C LEU B 411 -10.50 4.94 -15.84
N ARG B 412 -10.32 6.21 -15.46
CA ARG B 412 -10.99 7.30 -16.17
C ARG B 412 -10.60 7.26 -17.65
N GLN B 413 -9.30 7.15 -17.91
CA GLN B 413 -8.81 7.11 -19.30
C GLN B 413 -9.38 5.91 -20.07
N ALA B 414 -9.47 4.76 -19.41
CA ALA B 414 -9.94 3.53 -20.06
C ALA B 414 -11.45 3.45 -20.16
N SER B 415 -12.19 4.41 -19.58
N SER B 415 -12.19 4.41 -19.59
CA SER B 415 -13.64 4.30 -19.52
CA SER B 415 -13.64 4.29 -19.52
C SER B 415 -14.32 4.48 -20.87
C SER B 415 -14.33 4.48 -20.87
N ASP B 416 -13.59 4.81 -21.94
CA ASP B 416 -14.18 4.83 -23.27
C ASP B 416 -14.41 3.42 -23.81
N GLY B 417 -13.81 2.40 -23.20
CA GLY B 417 -13.97 1.04 -23.70
C GLY B 417 -13.19 0.71 -24.96
N SER B 418 -12.25 1.56 -25.38
CA SER B 418 -11.45 1.20 -26.56
C SER B 418 -10.37 0.19 -26.24
N PHE B 419 -10.00 0.05 -24.98
CA PHE B 419 -8.87 -0.76 -24.53
C PHE B 419 -7.65 -0.55 -25.42
N ALA B 420 -7.32 0.72 -25.63
CA ALA B 420 -6.25 1.08 -26.55
C ALA B 420 -4.88 0.69 -25.99
N GLU B 421 -3.96 0.40 -26.92
CA GLU B 421 -2.57 0.10 -26.59
C GLU B 421 -1.92 1.27 -25.85
N TYR B 422 -2.14 2.49 -26.34
CA TYR B 422 -1.68 3.71 -25.68
C TYR B 422 -2.61 4.84 -26.05
N TYR B 423 -2.48 5.96 -25.33
CA TYR B 423 -3.38 7.10 -25.49
C TYR B 423 -2.57 8.37 -25.69
N GLU B 424 -3.11 9.28 -26.47
CA GLU B 424 -2.49 10.59 -26.66
C GLU B 424 -2.52 11.36 -25.34
N PRO B 425 -1.38 11.88 -24.83
CA PRO B 425 -1.38 12.37 -23.43
C PRO B 425 -2.22 13.63 -23.20
N PHE B 426 -2.43 14.46 -24.23
CA PHE B 426 -3.15 15.71 -24.11
C PHE B 426 -4.62 15.58 -24.46
N THR B 427 -4.97 14.82 -25.51
CA THR B 427 -6.34 14.71 -25.97
C THR B 427 -7.06 13.47 -25.48
N GLY B 428 -6.33 12.47 -24.98
CA GLY B 428 -6.94 11.19 -24.66
C GLY B 428 -7.36 10.34 -25.83
N GLU B 429 -6.96 10.70 -27.05
CA GLU B 429 -7.30 9.89 -28.22
C GLU B 429 -6.71 8.48 -28.08
N PRO B 430 -7.50 7.44 -28.32
CA PRO B 430 -6.93 6.08 -28.33
C PRO B 430 -6.03 5.87 -29.54
N LEU B 431 -4.86 5.30 -29.29
CA LEU B 431 -3.83 5.12 -30.31
C LEU B 431 -3.31 3.67 -30.31
N GLY B 432 -2.49 3.36 -31.30
CA GLY B 432 -2.00 2.00 -31.42
C GLY B 432 -3.14 1.04 -31.71
N SER B 433 -2.96 -0.22 -31.33
CA SER B 433 -4.04 -1.17 -31.54
C SER B 433 -5.19 -0.91 -30.58
N MET B 434 -6.42 -1.04 -31.07
CA MET B 434 -7.53 -1.16 -30.14
C MET B 434 -7.59 -2.59 -29.60
N GLN B 435 -8.37 -2.79 -28.54
CA GLN B 435 -8.62 -4.15 -28.03
C GLN B 435 -7.31 -4.83 -27.61
N GLN B 436 -6.42 -4.05 -27.01
CA GLN B 436 -5.12 -4.54 -26.57
C GLN B 436 -5.28 -5.33 -25.26
N SER B 437 -4.78 -6.56 -25.24
CA SER B 437 -5.08 -7.44 -24.11
C SER B 437 -4.56 -6.91 -22.77
N TRP B 438 -3.35 -6.33 -22.71
CA TRP B 438 -2.90 -5.95 -21.37
C TRP B 438 -3.57 -4.68 -20.87
N THR B 439 -4.22 -3.90 -21.75
CA THR B 439 -5.03 -2.78 -21.27
C THR B 439 -6.31 -3.30 -20.63
N ALA B 440 -6.97 -4.27 -21.26
CA ALA B 440 -8.10 -4.94 -20.60
C ALA B 440 -7.67 -5.59 -19.28
N ALA B 441 -6.50 -6.21 -19.23
CA ALA B 441 -6.10 -6.87 -18.00
C ALA B 441 -5.88 -5.86 -16.88
N ALA B 442 -5.29 -4.71 -17.21
CA ALA B 442 -5.11 -3.68 -16.19
C ALA B 442 -6.44 -3.24 -15.61
N VAL B 443 -7.43 -3.05 -16.48
CA VAL B 443 -8.76 -2.62 -16.02
C VAL B 443 -9.38 -3.69 -15.13
N LEU B 444 -9.28 -4.96 -15.55
CA LEU B 444 -9.85 -6.04 -14.76
C LEU B 444 -9.20 -6.13 -13.39
N ASP B 445 -7.87 -6.01 -13.31
CA ASP B 445 -7.22 -6.06 -12.00
C ASP B 445 -7.65 -4.87 -11.15
N TRP B 446 -7.69 -3.67 -11.73
CA TRP B 446 -8.08 -2.49 -10.97
C TRP B 446 -9.50 -2.58 -10.46
N LEU B 447 -10.35 -3.40 -11.12
N LEU B 447 -10.45 -2.95 -11.31
CA LEU B 447 -11.75 -3.65 -10.79
CA LEU B 447 -11.83 -2.77 -10.90
C LEU B 447 -12.10 -5.09 -10.37
C LEU B 447 -12.12 -3.59 -9.66
N GLY B 448 -11.20 -6.05 -10.48
N GLY B 448 -11.41 -4.70 -9.48
CA GLY B 448 -11.57 -7.44 -10.24
CA GLY B 448 -11.70 -5.62 -8.40
C GLY B 448 -11.33 -7.98 -8.84
C GLY B 448 -13.15 -6.04 -8.47
C1 GOL C . -7.66 -10.64 -4.82
O1 GOL C . -6.41 -10.02 -4.69
C2 GOL C . -8.64 -9.50 -5.04
O2 GOL C . -8.15 -8.68 -6.11
C3 GOL C . -10.04 -10.03 -5.29
O3 GOL C . -10.86 -8.88 -5.41
C1 GOL D . -10.69 10.34 -2.10
O1 GOL D . -11.32 9.19 -2.63
C2 GOL D . -9.44 9.86 -1.37
O2 GOL D . -9.77 9.02 -0.26
C3 GOL D . -8.54 11.00 -0.90
O3 GOL D . -7.40 10.35 -0.31
C1 GOL E . 6.90 24.37 18.55
O1 GOL E . 7.48 23.99 19.79
C2 GOL E . 7.94 24.36 17.43
O2 GOL E . 8.54 23.08 17.37
C3 GOL E . 7.23 24.70 16.12
O3 GOL E . 8.19 24.98 15.11
C1 GOL F . 11.09 -8.88 25.97
O1 GOL F . 12.28 -9.56 26.29
C2 GOL F . 9.87 -9.74 26.26
O2 GOL F . 9.53 -10.45 25.10
C3 GOL F . 10.16 -10.72 27.40
O3 GOL F . 9.02 -11.50 27.68
C1 GOL G . 7.20 6.11 4.12
O1 GOL G . 6.36 6.97 3.39
C2 GOL G . 6.48 4.81 4.43
O2 GOL G . 5.75 4.36 3.30
C3 GOL G . 7.51 3.76 4.82
O3 GOL G . 6.84 2.56 5.15
C1 GOL H . 14.92 10.34 7.08
O1 GOL H . 15.96 10.95 7.81
C2 GOL H . 14.47 9.09 7.83
O2 GOL H . 15.61 8.49 8.39
C3 GOL H . 13.78 8.11 6.88
O3 GOL H . 13.11 7.11 7.61
C1 GOL I . -19.40 22.38 23.24
O1 GOL I . -18.90 23.11 24.35
C2 GOL I . -19.49 23.27 22.01
O2 GOL I . -18.21 23.46 21.46
C3 GOL I . -20.39 22.63 20.96
O3 GOL I . -19.93 22.89 19.65
C1 GOL J . -27.94 3.93 23.29
O1 GOL J . -27.30 5.19 23.07
C2 GOL J . -26.99 2.77 22.97
O2 GOL J . -26.68 2.77 21.61
C3 GOL J . -27.63 1.41 23.29
O3 GOL J . -26.76 0.36 22.92
C1 PEG K . -21.41 2.16 40.61
O1 PEG K . -22.47 2.96 40.10
C2 PEG K . -21.34 2.32 42.12
O2 PEG K . -20.03 1.93 42.51
C3 PEG K . -19.81 2.14 43.90
C4 PEG K . -18.32 1.94 44.18
O4 PEG K . -17.96 0.58 43.93
C1 PEG L . 2.10 21.96 -1.57
O1 PEG L . 3.19 22.82 -1.22
C2 PEG L . 2.58 20.71 -2.29
O2 PEG L . 3.18 19.78 -1.37
C3 PEG L . 2.31 18.66 -1.19
C4 PEG L . 2.73 17.54 -2.13
O4 PEG L . 2.75 16.28 -1.43
C1 PEG M . -3.24 25.30 22.53
O1 PEG M . -3.10 24.41 21.44
C2 PEG M . -3.05 26.74 22.06
O2 PEG M . -4.31 27.40 22.08
C3 PEG M . -5.20 26.86 21.11
C4 PEG M . -5.87 27.99 20.35
O4 PEG M . -7.28 27.76 20.22
N GLY N . 1.46 -14.65 5.08
CA GLY N . 2.66 -15.44 5.26
C GLY N . 3.66 -14.80 6.21
O GLY N . 3.86 -15.28 7.32
OXT GLY N . 4.28 -13.78 5.90
N GLY O . -24.78 11.94 34.78
CA GLY O . -23.47 11.76 35.38
C GLY O . -22.62 13.02 35.34
O GLY O . -21.59 13.12 36.01
OXT GLY O . -22.94 13.98 34.63
C1 2M8 P . -13.84 4.22 25.84
O1 2M8 P . -13.27 4.82 26.99
C22 2M8 P . -14.01 5.71 27.80
C23 2M8 P . -13.02 6.48 28.72
O13 2M8 P . -12.00 7.09 27.96
C21 2M8 P . -15.03 4.98 28.67
O1A 2M8 P . -15.68 5.68 29.49
O1B 2M8 P . -15.22 3.74 28.61
C2 2M8 P . -12.66 3.60 25.05
O2 2M8 P . -13.19 2.66 24.14
C3 2M8 P . -11.85 4.62 24.37
O3 2M8 P . -10.85 4.00 23.56
C4 2M8 P . -12.66 5.60 23.57
O4 2M8 P . -11.82 6.66 23.18
C5 2M8 P . -13.83 6.21 24.38
C6 2M8 P . -14.82 7.05 23.53
O6 2M8 P . -15.20 6.31 22.40
O5 2M8 P . -14.62 5.18 25.04
C1 GOL Q . 14.78 -25.40 -8.64
O1 GOL Q . 14.73 -25.70 -7.25
C2 GOL Q . 16.19 -25.09 -9.13
O2 GOL Q . 16.61 -23.81 -8.72
C3 GOL Q . 16.18 -25.13 -10.66
O3 GOL Q . 17.36 -24.55 -11.17
C1 GOL R . 25.70 7.59 -12.12
O1 GOL R . 26.45 7.73 -10.93
C2 GOL R . 25.73 8.91 -12.86
O2 GOL R . 25.16 9.90 -12.04
C3 GOL R . 24.92 8.80 -14.15
O3 GOL R . 23.57 9.04 -13.85
C1 GOL S . -3.68 -21.99 -29.59
O1 GOL S . -3.98 -22.23 -28.22
C2 GOL S . -2.17 -21.91 -29.78
O2 GOL S . -1.58 -23.16 -29.47
C3 GOL S . -1.82 -21.54 -31.21
O3 GOL S . -0.52 -22.02 -31.50
C1 GOL T . 15.61 -11.41 3.95
O1 GOL T . 16.67 -12.29 3.66
C2 GOL T . 15.64 -10.25 2.97
O2 GOL T . 16.74 -9.42 3.27
C3 GOL T . 14.35 -9.45 3.01
O3 GOL T . 14.42 -8.44 2.03
C1 GOL U . -6.27 -2.80 -35.57
O1 GOL U . -7.01 -3.90 -35.09
C2 GOL U . -6.40 -1.57 -34.67
O2 GOL U . -7.30 -1.89 -33.64
C3 GOL U . -6.96 -0.39 -35.46
O3 GOL U . -6.51 0.83 -34.90
C1 GOL V . 29.65 2.08 -15.22
O1 GOL V . 30.50 1.06 -15.73
C2 GOL V . 29.91 2.38 -13.75
O2 GOL V . 31.16 1.88 -13.35
C3 GOL V . 28.83 1.76 -12.85
O3 GOL V . 29.06 0.38 -12.68
C1 GOL W . 30.83 -3.53 -32.01
O1 GOL W . 30.01 -4.11 -33.01
C2 GOL W . 31.07 -4.54 -30.89
O2 GOL W . 30.80 -5.83 -31.35
C3 GOL W . 32.51 -4.47 -30.41
O3 GOL W . 32.71 -5.47 -29.42
C1 2M8 X . 5.34 -3.89 -28.91
O1 2M8 X . 6.48 -4.54 -29.43
C22 2M8 X . 6.42 -5.37 -30.60
C23 2M8 X . 7.78 -6.06 -30.67
O13 2M8 X . 8.01 -6.85 -29.54
C21 2M8 X . 6.19 -4.58 -31.90
O1A 2M8 X . 6.12 -3.33 -31.94
O1B 2M8 X . 6.09 -5.23 -33.00
C2 2M8 X . 5.75 -3.33 -27.54
O2 2M8 X . 4.83 -2.31 -27.18
C3 2M8 X . 5.92 -4.40 -26.54
O3 2M8 X . 6.27 -3.90 -25.25
C4 2M8 X . 4.77 -5.33 -26.48
O4 2M8 X . 5.10 -6.43 -25.67
C5 2M8 X . 4.42 -5.89 -27.87
C6 2M8 X . 3.11 -6.69 -27.76
O6 2M8 X . 2.10 -5.83 -27.28
O5 2M8 X . 4.20 -4.80 -28.80
#